data_3NEN
#
_entry.id   3NEN
#
_cell.length_a   124.1
_cell.length_b   125.1
_cell.length_c   87.3
_cell.angle_alpha   90.00
_cell.angle_beta   90.00
_cell.angle_gamma   90.00
#
_symmetry.space_group_name_H-M   'P 21 21 2'
#
loop_
_entity.id
_entity.type
_entity.pdbx_description
1 polymer 'Aspartyl-tRNA synthetase'
2 water water
#
_entity_poly.entity_id   1
_entity_poly.type   'polypeptide(L)'
_entity_poly.pdbx_seq_one_letter_code
;MYRTHYSSEITEELNGQKVKVAGWVWEVKDLGGIKFLWIRDRDGIVQITAPKKKVDPELFKLIPKLRSEDVVAVEGVVNF
TPKAKLGFEILPEKIVVLNRAETPLPLDPTGKVKAELDTRLDNRFMDLRRPEVMAIFKIRSSVFKAVRDFFHENGFIEIH
TPKIIATATEGGTELFPMKYFEEDAFLAQSPQLYKQIMMASGLDRVYEIAPIFRAEEHNTTRHLNEAWSIDSEMAFIEDE
EEVMSFLERLVAHAINYVREHNAKELDILNFELEEPKLPFPRVSYDKALEILGDLGKEIPWGEDIDTEGERLLGKYMMEN
ENAPLYFLYQYPSEAKPFYIMKYDNKPEICRAFDLEYRGVEISSGGQREHRHDILVEQIKEKGLNPESFEFYLKAFRYGM
PPHGGFGLGAERLIKQMLDLPNIREVILFPRDRRRLTP
;
_entity_poly.pdbx_strand_id   A,B
#
# COMPACT_ATOMS: atom_id res chain seq x y z
N MET A 1 -20.56 19.33 -3.41
CA MET A 1 -20.75 18.35 -2.36
C MET A 1 -21.99 18.67 -1.54
N TYR A 2 -22.64 17.63 -1.04
CA TYR A 2 -23.84 17.79 -0.23
C TYR A 2 -23.55 18.20 1.20
N ARG A 3 -22.29 18.12 1.61
CA ARG A 3 -21.89 18.53 2.95
C ARG A 3 -20.57 19.28 2.90
N THR A 4 -20.44 20.24 3.81
CA THR A 4 -19.26 21.06 3.92
C THR A 4 -18.52 20.71 5.20
N HIS A 5 -19.27 20.29 6.22
CA HIS A 5 -18.69 19.95 7.52
C HIS A 5 -19.17 18.65 8.12
N TYR A 6 -18.25 17.94 8.75
CA TYR A 6 -18.56 16.73 9.48
C TYR A 6 -18.87 17.22 10.88
N SER A 7 -19.63 16.45 11.63
CA SER A 7 -20.02 16.79 12.99
C SER A 7 -18.80 17.21 13.82
N SER A 8 -17.68 16.55 13.57
CA SER A 8 -16.43 16.80 14.29
C SER A 8 -15.72 18.09 13.92
N GLU A 9 -16.00 18.63 12.74
CA GLU A 9 -15.33 19.87 12.32
C GLU A 9 -16.16 21.13 12.41
N ILE A 10 -17.10 21.14 13.33
CA ILE A 10 -17.94 22.31 13.60
C ILE A 10 -17.54 22.79 14.99
N THR A 11 -17.02 24.01 15.04
CA THR A 11 -16.54 24.58 16.29
C THR A 11 -17.02 26.02 16.48
N GLU A 12 -16.71 26.57 17.66
CA GLU A 12 -17.07 27.94 18.04
C GLU A 12 -16.88 28.92 16.89
N GLU A 13 -15.72 28.80 16.24
CA GLU A 13 -15.33 29.64 15.11
C GLU A 13 -16.34 29.75 13.98
N LEU A 14 -17.35 28.88 13.97
CA LEU A 14 -18.35 28.89 12.91
C LEU A 14 -19.75 29.32 13.36
N ASN A 15 -19.89 29.64 14.64
CA ASN A 15 -21.19 30.02 15.18
C ASN A 15 -21.86 31.16 14.41
N GLY A 16 -23.13 30.94 14.06
CA GLY A 16 -23.91 31.90 13.31
C GLY A 16 -23.78 31.77 11.81
N GLN A 17 -22.83 30.97 11.37
CA GLN A 17 -22.60 30.76 9.94
C GLN A 17 -23.38 29.60 9.34
N LYS A 18 -23.66 29.73 8.04
CA LYS A 18 -24.37 28.69 7.29
C LYS A 18 -23.37 27.57 7.01
N VAL A 19 -23.82 26.33 7.18
CA VAL A 19 -22.98 25.16 7.00
C VAL A 19 -23.83 24.09 6.33
N LYS A 20 -23.20 23.00 5.90
CA LYS A 20 -23.94 21.91 5.27
C LYS A 20 -23.51 20.59 5.87
N VAL A 21 -24.47 19.87 6.45
CA VAL A 21 -24.19 18.58 7.07
C VAL A 21 -24.95 17.48 6.33
N ALA A 22 -24.50 16.24 6.48
CA ALA A 22 -25.15 15.14 5.80
C ALA A 22 -24.79 13.82 6.45
N GLY A 23 -25.73 12.89 6.46
CA GLY A 23 -25.49 11.60 7.06
C GLY A 23 -26.74 10.76 7.02
N TRP A 24 -26.86 9.85 7.98
CA TRP A 24 -28.01 8.94 8.09
C TRP A 24 -28.93 9.36 9.22
N VAL A 25 -30.23 9.36 8.96
CA VAL A 25 -31.22 9.71 9.97
C VAL A 25 -31.05 8.79 11.18
N TRP A 26 -30.65 9.40 12.29
CA TRP A 26 -30.41 8.68 13.53
C TRP A 26 -31.61 8.68 14.46
N GLU A 27 -32.23 9.86 14.63
CA GLU A 27 -33.39 9.98 15.50
C GLU A 27 -34.23 11.19 15.15
N VAL A 28 -35.54 11.05 15.32
CA VAL A 28 -36.48 12.13 15.03
C VAL A 28 -37.43 12.30 16.20
N LYS A 29 -37.62 13.55 16.62
CA LYS A 29 -38.51 13.86 17.71
C LYS A 29 -39.59 14.77 17.14
N ASP A 30 -40.68 14.13 16.71
CA ASP A 30 -41.86 14.77 16.11
C ASP A 30 -42.73 15.34 17.24
N LEU A 31 -42.56 16.63 17.53
CA LEU A 31 -43.28 17.25 18.63
C LEU A 31 -44.40 18.25 18.37
N GLY A 32 -44.69 18.53 17.11
CA GLY A 32 -45.78 19.45 16.83
C GLY A 32 -45.50 20.93 16.95
N GLY A 33 -44.80 21.33 18.01
CA GLY A 33 -44.47 22.73 18.17
C GLY A 33 -43.03 22.92 17.73
N ILE A 34 -42.35 21.80 17.56
CA ILE A 34 -40.96 21.78 17.19
C ILE A 34 -40.61 20.36 16.74
N LYS A 35 -39.56 20.23 15.95
CA LYS A 35 -39.13 18.93 15.49
C LYS A 35 -37.62 18.82 15.66
N PHE A 36 -37.16 17.64 16.07
CA PHE A 36 -35.74 17.40 16.27
C PHE A 36 -35.29 16.29 15.35
N LEU A 37 -34.15 16.50 14.69
CA LEU A 37 -33.60 15.53 13.78
C LEU A 37 -32.12 15.31 14.10
N TRP A 38 -31.74 14.06 14.35
CA TRP A 38 -30.35 13.74 14.61
C TRP A 38 -29.90 12.98 13.38
N ILE A 39 -28.70 13.31 12.94
CA ILE A 39 -28.11 12.74 11.74
C ILE A 39 -26.78 12.12 12.16
N ARG A 40 -26.45 10.96 11.59
CA ARG A 40 -25.19 10.32 11.93
C ARG A 40 -24.16 10.50 10.82
N ASP A 41 -22.99 10.89 11.28
CA ASP A 41 -21.81 11.13 10.46
C ASP A 41 -20.84 10.03 10.75
N ARG A 42 -19.80 9.97 9.95
CA ARG A 42 -18.75 8.99 10.16
C ARG A 42 -18.02 9.38 11.44
N ASP A 43 -18.23 10.64 11.86
CA ASP A 43 -17.60 11.18 13.05
C ASP A 43 -18.49 11.42 14.25
N GLY A 44 -19.80 11.30 14.09
CA GLY A 44 -20.66 11.51 15.25
C GLY A 44 -22.07 11.87 14.90
N ILE A 45 -22.78 12.48 15.86
CA ILE A 45 -24.17 12.89 15.69
C ILE A 45 -24.28 14.42 15.64
N VAL A 46 -25.28 14.90 14.92
CA VAL A 46 -25.56 16.33 14.80
C VAL A 46 -27.06 16.52 15.07
N GLN A 47 -27.36 17.51 15.89
CA GLN A 47 -28.73 17.84 16.23
C GLN A 47 -29.20 19.00 15.37
N ILE A 48 -30.33 18.79 14.71
CA ILE A 48 -30.94 19.79 13.85
C ILE A 48 -32.24 20.12 14.59
N THR A 49 -32.41 21.36 15.05
CA THR A 49 -33.65 21.72 15.73
C THR A 49 -34.47 22.63 14.83
N ALA A 50 -35.75 22.26 14.66
CA ALA A 50 -36.67 23.00 13.81
C ALA A 50 -37.91 23.46 14.56
N PRO A 51 -37.85 24.64 15.20
CA PRO A 51 -39.01 25.15 15.93
C PRO A 51 -40.05 25.56 14.88
N LYS A 52 -41.33 25.30 15.15
CA LYS A 52 -42.41 25.63 14.20
C LYS A 52 -42.39 27.09 13.74
N LYS A 53 -42.21 27.99 14.71
CA LYS A 53 -42.17 29.44 14.48
C LYS A 53 -40.92 29.95 13.77
N LYS A 54 -39.93 29.08 13.58
CA LYS A 54 -38.68 29.48 12.94
C LYS A 54 -38.32 28.82 11.64
N VAL A 55 -38.97 27.71 11.28
CA VAL A 55 -38.62 27.05 10.02
C VAL A 55 -39.71 27.10 8.97
N ASP A 56 -39.28 26.80 7.74
CA ASP A 56 -40.16 26.75 6.59
C ASP A 56 -41.19 25.64 6.86
N PRO A 57 -42.48 25.92 6.62
CA PRO A 57 -43.56 24.94 6.85
C PRO A 57 -43.33 23.60 6.20
N GLU A 58 -42.96 23.62 4.91
CA GLU A 58 -42.71 22.39 4.17
C GLU A 58 -41.64 21.56 4.84
N LEU A 59 -40.64 22.24 5.38
CA LEU A 59 -39.53 21.62 6.09
C LEU A 59 -40.11 20.98 7.36
N PHE A 60 -40.94 21.73 8.08
CA PHE A 60 -41.57 21.27 9.31
C PHE A 60 -42.27 19.93 9.04
N LYS A 61 -43.12 19.90 8.00
CA LYS A 61 -43.88 18.71 7.59
C LYS A 61 -43.03 17.51 7.19
N LEU A 62 -41.89 17.80 6.56
CA LEU A 62 -40.97 16.77 6.07
C LEU A 62 -40.28 15.90 7.11
N ILE A 63 -39.70 16.54 8.10
CA ILE A 63 -38.96 15.84 9.13
C ILE A 63 -39.64 14.59 9.72
N PRO A 64 -40.93 14.70 10.10
CA PRO A 64 -41.59 13.52 10.66
C PRO A 64 -41.77 12.36 9.68
N LYS A 65 -41.53 12.63 8.40
CA LYS A 65 -41.63 11.60 7.36
C LYS A 65 -40.31 10.82 7.23
N LEU A 66 -39.24 11.39 7.81
CA LEU A 66 -37.92 10.75 7.77
C LEU A 66 -37.94 9.52 8.65
N ARG A 67 -37.25 8.48 8.20
CA ARG A 67 -37.15 7.22 8.92
C ARG A 67 -35.69 6.88 9.16
N SER A 68 -35.46 5.90 10.02
CA SER A 68 -34.10 5.50 10.35
C SER A 68 -33.30 5.10 9.15
N GLU A 69 -32.02 5.48 9.18
CA GLU A 69 -31.05 5.18 8.14
C GLU A 69 -31.22 5.84 6.78
N ASP A 70 -32.18 6.78 6.69
CA ASP A 70 -32.40 7.52 5.45
C ASP A 70 -31.20 8.43 5.30
N VAL A 71 -30.75 8.64 4.07
CA VAL A 71 -29.62 9.54 3.84
C VAL A 71 -30.20 10.92 3.57
N VAL A 72 -29.78 11.90 4.38
CA VAL A 72 -30.25 13.27 4.26
C VAL A 72 -29.11 14.26 4.27
N ALA A 73 -29.35 15.39 3.62
CA ALA A 73 -28.38 16.46 3.56
C ALA A 73 -29.14 17.69 4.08
N VAL A 74 -28.49 18.47 4.92
CA VAL A 74 -29.11 19.65 5.51
C VAL A 74 -28.24 20.89 5.42
N GLU A 75 -28.85 21.99 4.98
CA GLU A 75 -28.16 23.27 4.95
C GLU A 75 -28.82 24.07 6.09
N GLY A 76 -28.00 24.69 6.93
CA GLY A 76 -28.55 25.44 8.04
C GLY A 76 -27.55 26.35 8.70
N VAL A 77 -27.96 26.96 9.82
CA VAL A 77 -27.12 27.88 10.57
C VAL A 77 -26.68 27.31 11.92
N VAL A 78 -25.36 27.32 12.15
CA VAL A 78 -24.76 26.81 13.38
C VAL A 78 -25.18 27.65 14.59
N ASN A 79 -25.57 26.96 15.65
CA ASN A 79 -26.00 27.64 16.87
C ASN A 79 -25.46 26.98 18.13
N PHE A 80 -24.43 27.58 18.71
CA PHE A 80 -23.84 27.05 19.94
C PHE A 80 -24.73 27.39 21.12
N THR A 81 -25.01 26.39 21.95
CA THR A 81 -25.89 26.55 23.11
C THR A 81 -25.71 25.43 24.13
N PRO A 82 -25.88 25.75 25.44
CA PRO A 82 -25.74 24.75 26.51
C PRO A 82 -26.92 23.78 26.44
N LYS A 83 -28.01 24.25 25.82
CA LYS A 83 -29.24 23.49 25.65
C LYS A 83 -29.03 22.25 24.75
N ALA A 84 -27.91 22.21 24.03
CA ALA A 84 -27.60 21.09 23.15
C ALA A 84 -26.58 20.21 23.86
N LYS A 85 -26.93 18.94 24.06
CA LYS A 85 -26.03 18.00 24.74
C LYS A 85 -24.69 17.92 24.03
N LEU A 86 -24.66 18.29 22.75
CA LEU A 86 -23.44 18.25 21.96
C LEU A 86 -22.76 19.58 21.76
N GLY A 87 -23.26 20.63 22.40
CA GLY A 87 -22.64 21.94 22.28
C GLY A 87 -23.33 22.91 21.35
N PHE A 88 -23.72 22.44 20.17
CA PHE A 88 -24.40 23.28 19.20
C PHE A 88 -25.52 22.50 18.53
N GLU A 89 -26.18 23.16 17.59
CA GLU A 89 -27.27 22.56 16.84
C GLU A 89 -27.34 23.33 15.52
N ILE A 90 -28.04 22.77 14.55
CA ILE A 90 -28.20 23.39 13.25
C ILE A 90 -29.64 23.79 13.06
N LEU A 91 -29.84 25.04 12.65
CA LEU A 91 -31.17 25.60 12.40
C LEU A 91 -31.35 25.43 10.88
N PRO A 92 -32.06 24.36 10.47
CA PRO A 92 -32.34 23.99 9.07
C PRO A 92 -32.99 25.04 8.21
N GLU A 93 -32.46 25.20 7.01
CA GLU A 93 -32.97 26.14 6.01
C GLU A 93 -33.40 25.30 4.82
N LYS A 94 -32.73 24.16 4.67
CA LYS A 94 -33.00 23.24 3.58
C LYS A 94 -32.69 21.82 3.98
N ILE A 95 -33.58 20.89 3.65
CA ILE A 95 -33.37 19.47 3.92
C ILE A 95 -33.68 18.69 2.65
N VAL A 96 -32.80 17.77 2.32
CA VAL A 96 -32.95 16.96 1.12
C VAL A 96 -32.82 15.50 1.49
N VAL A 97 -33.69 14.67 0.95
CA VAL A 97 -33.61 13.23 1.20
C VAL A 97 -32.92 12.62 -0.01
N LEU A 98 -31.67 12.24 0.18
CA LEU A 98 -30.85 11.65 -0.86
C LEU A 98 -31.19 10.20 -1.17
N ASN A 99 -31.60 9.44 -0.16
CA ASN A 99 -31.95 8.04 -0.36
C ASN A 99 -32.65 7.49 0.87
N ARG A 100 -33.65 6.65 0.65
CA ARG A 100 -34.41 6.06 1.74
C ARG A 100 -33.96 4.64 2.09
N ALA A 101 -34.13 4.27 3.36
CA ALA A 101 -33.72 2.94 3.81
C ALA A 101 -34.87 1.98 3.93
N GLU A 102 -34.58 0.70 3.70
CA GLU A 102 -35.56 -0.36 3.81
C GLU A 102 -35.56 -0.92 5.23
N THR A 103 -36.70 -1.47 5.65
CA THR A 103 -36.81 -2.10 6.97
C THR A 103 -37.30 -3.51 6.72
N PRO A 104 -36.80 -4.47 7.49
CA PRO A 104 -35.83 -4.29 8.56
C PRO A 104 -34.37 -4.21 8.09
N LEU A 105 -33.53 -3.65 8.93
CA LEU A 105 -32.10 -3.50 8.65
C LEU A 105 -31.40 -4.82 8.96
N PRO A 106 -30.35 -5.17 8.20
CA PRO A 106 -29.59 -6.41 8.40
C PRO A 106 -29.05 -6.51 9.83
N LEU A 107 -28.58 -5.38 10.34
CA LEU A 107 -28.04 -5.29 11.69
C LEU A 107 -28.63 -4.10 12.41
N ASP A 108 -28.41 -4.04 13.71
CA ASP A 108 -28.91 -2.95 14.55
C ASP A 108 -27.80 -1.92 14.82
N PRO A 109 -27.87 -0.77 14.14
CA PRO A 109 -26.89 0.33 14.26
C PRO A 109 -26.88 0.99 15.62
N THR A 110 -27.95 0.78 16.40
CA THR A 110 -28.06 1.38 17.73
C THR A 110 -27.30 0.56 18.76
N GLY A 111 -26.98 -0.68 18.41
CA GLY A 111 -26.24 -1.53 19.32
C GLY A 111 -27.09 -2.22 20.36
N LYS A 112 -28.41 -2.16 20.20
CA LYS A 112 -29.35 -2.78 21.13
C LYS A 112 -29.22 -4.29 20.99
N VAL A 113 -29.65 -4.79 19.84
CA VAL A 113 -29.60 -6.21 19.53
C VAL A 113 -28.23 -6.60 19.03
N LYS A 114 -27.52 -7.41 19.81
CA LYS A 114 -26.19 -7.88 19.41
C LYS A 114 -26.36 -8.89 18.27
N ALA A 115 -25.37 -8.95 17.40
CA ALA A 115 -25.41 -9.88 16.28
C ALA A 115 -24.15 -10.74 16.33
N GLU A 116 -24.25 -11.99 15.90
CA GLU A 116 -23.08 -12.84 15.92
C GLU A 116 -22.10 -12.33 14.87
N LEU A 117 -20.81 -12.52 15.13
CA LEU A 117 -19.76 -12.07 14.22
C LEU A 117 -19.99 -12.40 12.73
N ASP A 118 -20.49 -13.60 12.42
CA ASP A 118 -20.72 -13.96 11.02
C ASP A 118 -21.73 -13.07 10.33
N THR A 119 -22.77 -12.68 11.07
CA THR A 119 -23.82 -11.80 10.55
C THR A 119 -23.22 -10.43 10.25
N ARG A 120 -22.38 -9.96 11.16
CA ARG A 120 -21.73 -8.67 11.02
C ARG A 120 -20.81 -8.67 9.82
N LEU A 121 -20.08 -9.77 9.62
CA LEU A 121 -19.15 -9.91 8.50
C LEU A 121 -19.91 -9.97 7.17
N ASP A 122 -21.09 -10.58 7.19
CA ASP A 122 -21.92 -10.67 6.00
C ASP A 122 -22.48 -9.30 5.61
N ASN A 123 -22.59 -8.40 6.60
CA ASN A 123 -23.13 -7.04 6.40
C ASN A 123 -22.20 -5.95 6.89
N ARG A 124 -20.96 -5.96 6.42
CA ARG A 124 -19.96 -4.97 6.83
C ARG A 124 -20.37 -3.51 6.68
N PHE A 125 -21.16 -3.19 5.67
CA PHE A 125 -21.62 -1.81 5.43
C PHE A 125 -22.53 -1.32 6.55
N MET A 126 -23.26 -2.25 7.13
CA MET A 126 -24.15 -1.96 8.25
C MET A 126 -23.30 -1.88 9.50
N ASP A 127 -22.41 -2.86 9.65
CA ASP A 127 -21.53 -2.97 10.81
C ASP A 127 -20.67 -1.75 11.12
N LEU A 128 -20.16 -1.08 10.09
CA LEU A 128 -19.32 0.10 10.32
C LEU A 128 -20.08 1.34 10.80
N ARG A 129 -21.41 1.28 10.77
CA ARG A 129 -22.23 2.39 11.24
C ARG A 129 -22.19 2.48 12.77
N ARG A 130 -21.67 1.45 13.42
CA ARG A 130 -21.53 1.43 14.87
C ARG A 130 -20.15 2.03 15.12
N PRO A 131 -20.06 3.06 15.96
CA PRO A 131 -18.83 3.77 16.31
C PRO A 131 -17.65 2.90 16.75
N GLU A 132 -17.94 1.83 17.48
CA GLU A 132 -16.90 0.92 17.96
C GLU A 132 -16.25 0.12 16.83
N VAL A 133 -17.01 -0.07 15.74
CA VAL A 133 -16.51 -0.78 14.56
C VAL A 133 -15.74 0.18 13.65
N MET A 134 -16.29 1.38 13.46
CA MET A 134 -15.67 2.42 12.64
C MET A 134 -14.32 2.82 13.23
N ALA A 135 -14.25 2.81 14.56
CA ALA A 135 -13.06 3.16 15.31
C ALA A 135 -11.89 2.26 14.95
N ILE A 136 -12.14 0.95 14.90
CA ILE A 136 -11.12 -0.04 14.57
C ILE A 136 -10.55 0.25 13.19
N PHE A 137 -11.44 0.53 12.25
CA PHE A 137 -11.03 0.80 10.89
C PHE A 137 -10.32 2.11 10.66
N LYS A 138 -10.65 3.10 11.47
CA LYS A 138 -9.96 4.37 11.37
C LYS A 138 -8.54 4.14 11.92
N ILE A 139 -8.44 3.42 13.04
CA ILE A 139 -7.15 3.12 13.68
C ILE A 139 -6.25 2.30 12.75
N ARG A 140 -6.86 1.35 12.02
CA ARG A 140 -6.13 0.51 11.07
C ARG A 140 -5.45 1.39 10.02
N SER A 141 -6.20 2.31 9.43
CA SER A 141 -5.68 3.24 8.43
C SER A 141 -4.54 4.10 9.01
N SER A 142 -4.70 4.51 10.28
CA SER A 142 -3.67 5.32 10.94
C SER A 142 -2.38 4.54 11.13
N VAL A 143 -2.53 3.25 11.46
CA VAL A 143 -1.36 2.39 11.65
C VAL A 143 -0.58 2.32 10.34
N PHE A 144 -1.29 2.14 9.24
CA PHE A 144 -0.67 2.06 7.92
C PHE A 144 0.05 3.35 7.60
N LYS A 145 -0.59 4.47 7.90
CA LYS A 145 0.02 5.77 7.65
C LYS A 145 1.27 5.94 8.51
N ALA A 146 1.14 5.68 9.81
CA ALA A 146 2.26 5.80 10.75
C ALA A 146 3.46 4.98 10.28
N VAL A 147 3.23 3.72 9.92
CA VAL A 147 4.27 2.79 9.45
C VAL A 147 5.00 3.32 8.22
N ARG A 148 4.25 3.82 7.25
CA ARG A 148 4.84 4.35 6.03
C ARG A 148 5.66 5.59 6.29
N ASP A 149 5.16 6.45 7.18
CA ASP A 149 5.86 7.68 7.54
C ASP A 149 7.20 7.35 8.18
N PHE A 150 7.19 6.41 9.13
CA PHE A 150 8.41 6.00 9.79
C PHE A 150 9.42 5.47 8.77
N PHE A 151 8.96 4.60 7.88
CA PHE A 151 9.82 4.01 6.85
C PHE A 151 10.48 5.09 6.03
N HIS A 152 9.70 6.04 5.57
CA HIS A 152 10.22 7.13 4.74
C HIS A 152 11.18 8.03 5.52
N GLU A 153 10.83 8.33 6.78
CA GLU A 153 11.67 9.17 7.64
C GLU A 153 13.05 8.52 7.83
N ASN A 154 13.09 7.20 7.72
CA ASN A 154 14.33 6.45 7.88
C ASN A 154 15.05 6.01 6.61
N GLY A 155 14.72 6.66 5.49
CA GLY A 155 15.38 6.36 4.23
C GLY A 155 14.99 5.10 3.49
N PHE A 156 13.79 4.60 3.73
CA PHE A 156 13.33 3.41 3.04
C PHE A 156 12.58 3.78 1.75
N ILE A 157 12.78 2.97 0.72
CA ILE A 157 12.13 3.17 -0.56
C ILE A 157 11.09 2.08 -0.64
N GLU A 158 9.89 2.45 -1.07
CA GLU A 158 8.84 1.47 -1.19
C GLU A 158 8.95 0.71 -2.50
N ILE A 159 8.91 -0.61 -2.41
CA ILE A 159 8.95 -1.43 -3.60
C ILE A 159 7.67 -2.28 -3.62
N HIS A 160 7.42 -2.90 -4.77
CA HIS A 160 6.26 -3.75 -4.94
C HIS A 160 6.75 -4.96 -5.69
N THR A 161 6.51 -6.14 -5.13
CA THR A 161 6.94 -7.40 -5.72
C THR A 161 5.75 -8.31 -6.06
N PRO A 162 5.94 -9.28 -6.98
CA PRO A 162 4.93 -10.23 -7.44
C PRO A 162 4.15 -11.07 -6.43
N LYS A 163 2.85 -11.18 -6.67
CA LYS A 163 1.95 -11.95 -5.83
C LYS A 163 1.71 -13.32 -6.46
N ILE A 164 1.99 -13.43 -7.76
CA ILE A 164 1.86 -14.69 -8.46
C ILE A 164 3.28 -15.20 -8.68
N ILE A 165 3.61 -16.32 -8.06
CA ILE A 165 4.94 -16.91 -8.14
C ILE A 165 4.93 -18.39 -8.48
N ALA A 166 5.99 -18.86 -9.14
CA ALA A 166 6.11 -20.27 -9.50
C ALA A 166 7.06 -20.85 -8.43
N THR A 167 7.95 -19.95 -8.01
CA THR A 167 9.03 -20.09 -7.03
C THR A 167 8.67 -20.66 -5.63
N ALA A 168 8.85 -21.97 -5.44
CA ALA A 168 8.56 -22.60 -4.14
C ALA A 168 9.64 -22.29 -3.09
N THR A 169 9.59 -21.08 -2.53
CA THR A 169 10.54 -20.57 -1.51
C THR A 169 10.30 -21.06 -0.08
N GLU A 170 11.13 -21.98 0.41
CA GLU A 170 10.98 -22.56 1.75
C GLU A 170 9.55 -23.08 1.81
N GLY A 171 9.35 -24.38 1.70
CA GLY A 171 7.98 -24.82 1.71
C GLY A 171 7.42 -26.11 2.24
N GLY A 172 6.20 -26.31 1.77
CA GLY A 172 5.35 -27.43 2.09
C GLY A 172 4.07 -26.88 1.48
N THR A 173 2.92 -27.19 2.05
CA THR A 173 1.70 -26.63 1.49
C THR A 173 1.38 -25.28 2.14
N GLU A 174 0.11 -25.04 2.47
CA GLU A 174 -0.32 -23.78 3.06
C GLU A 174 -0.09 -22.70 2.01
N LEU A 175 -0.03 -23.15 0.77
CA LEU A 175 0.16 -22.31 -0.38
C LEU A 175 -1.08 -22.45 -1.25
N PHE A 176 -1.48 -21.38 -1.90
CA PHE A 176 -2.65 -21.44 -2.78
C PHE A 176 -2.14 -21.71 -4.19
N PRO A 177 -2.23 -22.98 -4.64
CA PRO A 177 -1.77 -23.33 -5.99
C PRO A 177 -2.65 -22.69 -7.05
N MET A 178 -1.99 -22.07 -8.04
CA MET A 178 -2.65 -21.37 -9.12
C MET A 178 -2.26 -21.90 -10.48
N LYS A 179 -2.93 -21.39 -11.51
CA LYS A 179 -2.63 -21.78 -12.86
C LYS A 179 -2.33 -20.48 -13.61
N TYR A 180 -1.08 -20.31 -14.00
CA TYR A 180 -0.68 -19.14 -14.74
C TYR A 180 -0.58 -19.61 -16.20
N PHE A 181 -1.72 -19.60 -16.88
CA PHE A 181 -1.81 -20.07 -18.28
C PHE A 181 -1.37 -21.55 -18.35
N GLU A 182 -0.35 -21.89 -19.14
CA GLU A 182 0.11 -23.28 -19.20
C GLU A 182 0.79 -23.66 -17.89
N GLU A 183 1.48 -22.69 -17.32
CA GLU A 183 2.19 -22.88 -16.08
C GLU A 183 1.30 -22.95 -14.87
N ASP A 184 1.80 -23.62 -13.84
CA ASP A 184 1.10 -23.68 -12.59
C ASP A 184 1.98 -22.88 -11.65
N ALA A 185 1.36 -22.00 -10.87
CA ALA A 185 2.07 -21.14 -9.96
C ALA A 185 1.48 -21.25 -8.57
N PHE A 186 1.79 -20.28 -7.73
CA PHE A 186 1.30 -20.21 -6.36
C PHE A 186 1.10 -18.75 -6.01
N LEU A 187 0.28 -18.51 -5.00
CA LEU A 187 0.03 -17.17 -4.48
C LEU A 187 1.10 -17.03 -3.41
N ALA A 188 1.90 -15.97 -3.50
CA ALA A 188 2.98 -15.70 -2.55
C ALA A 188 2.53 -15.55 -1.11
N GLN A 189 3.37 -16.01 -0.18
CA GLN A 189 3.09 -15.90 1.25
C GLN A 189 4.02 -14.86 1.86
N SER A 190 5.03 -14.48 1.07
CA SER A 190 6.03 -13.52 1.49
C SER A 190 6.81 -13.02 0.30
N PRO A 191 7.32 -11.77 0.37
CA PRO A 191 8.11 -11.15 -0.70
C PRO A 191 9.57 -11.47 -0.44
N GLN A 192 9.79 -12.39 0.51
CA GLN A 192 11.11 -12.81 0.96
C GLN A 192 12.25 -12.87 -0.06
N LEU A 193 12.11 -13.76 -1.03
CA LEU A 193 13.15 -13.94 -2.04
C LEU A 193 13.38 -12.68 -2.85
N TYR A 194 12.29 -11.99 -3.17
CA TYR A 194 12.39 -10.77 -3.96
C TYR A 194 12.99 -9.58 -3.23
N LYS A 195 12.74 -9.47 -1.94
CA LYS A 195 13.27 -8.36 -1.17
C LYS A 195 14.76 -8.55 -0.88
N GLN A 196 15.21 -9.81 -0.97
CA GLN A 196 16.61 -10.14 -0.76
C GLN A 196 17.38 -9.88 -2.04
N ILE A 197 16.72 -10.13 -3.18
CA ILE A 197 17.32 -9.91 -4.50
C ILE A 197 17.59 -8.41 -4.66
N MET A 198 16.65 -7.60 -4.18
CA MET A 198 16.76 -6.15 -4.24
C MET A 198 17.85 -5.60 -3.35
N MET A 199 18.36 -6.42 -2.43
CA MET A 199 19.43 -6.01 -1.52
C MET A 199 20.76 -5.95 -2.24
N ALA A 200 20.83 -6.60 -3.41
CA ALA A 200 22.02 -6.62 -4.25
C ALA A 200 21.88 -5.56 -5.35
N SER A 201 20.77 -4.83 -5.33
CA SER A 201 20.49 -3.80 -6.32
C SER A 201 21.00 -2.44 -5.92
N GLY A 202 21.25 -2.27 -4.62
CA GLY A 202 21.72 -0.99 -4.14
C GLY A 202 20.62 -0.16 -3.49
N LEU A 203 19.37 -0.61 -3.59
CA LEU A 203 18.26 0.10 -2.95
C LEU A 203 18.55 0.22 -1.45
N ASP A 204 19.21 -0.81 -0.91
CA ASP A 204 19.62 -0.88 0.50
C ASP A 204 18.52 -0.98 1.55
N ARG A 205 17.61 -0.01 1.58
CA ARG A 205 16.51 0.00 2.54
C ARG A 205 15.19 0.01 1.80
N VAL A 206 14.48 -1.12 1.86
CA VAL A 206 13.21 -1.24 1.18
C VAL A 206 12.10 -1.70 2.11
N TYR A 207 10.87 -1.52 1.66
CA TYR A 207 9.71 -1.97 2.42
C TYR A 207 8.56 -2.19 1.45
N GLU A 208 7.62 -3.01 1.87
CA GLU A 208 6.46 -3.30 1.05
C GLU A 208 5.32 -3.68 1.97
N ILE A 209 4.15 -3.12 1.70
CA ILE A 209 2.95 -3.41 2.48
C ILE A 209 1.99 -3.97 1.44
N ALA A 210 1.81 -5.28 1.43
CA ALA A 210 0.96 -5.88 0.41
C ALA A 210 0.32 -7.18 0.88
N PRO A 211 -0.70 -7.66 0.14
CA PRO A 211 -1.43 -8.89 0.47
C PRO A 211 -0.54 -10.12 0.40
N ILE A 212 -0.73 -11.05 1.33
CA ILE A 212 0.01 -12.31 1.34
C ILE A 212 -1.02 -13.41 1.50
N PHE A 213 -0.78 -14.57 0.90
CA PHE A 213 -1.75 -15.66 0.95
C PHE A 213 -1.21 -16.97 1.52
N ARG A 214 -1.99 -17.55 2.43
CA ARG A 214 -1.63 -18.77 3.12
C ARG A 214 -2.83 -19.67 3.29
N ALA A 215 -2.74 -20.90 2.81
CA ALA A 215 -3.85 -21.84 2.93
C ALA A 215 -3.74 -22.76 4.15
N GLU A 216 -4.07 -22.22 5.32
CA GLU A 216 -4.04 -23.01 6.54
C GLU A 216 -5.37 -23.73 6.67
N GLU A 217 -5.29 -25.03 6.88
CA GLU A 217 -6.48 -25.87 7.00
C GLU A 217 -7.34 -25.61 8.22
N HIS A 218 -6.76 -24.97 9.23
CA HIS A 218 -7.54 -24.74 10.44
C HIS A 218 -7.76 -23.32 10.91
N ASN A 219 -9.03 -23.03 11.21
CA ASN A 219 -9.48 -21.73 11.70
C ASN A 219 -8.95 -21.42 13.08
N THR A 220 -8.58 -20.18 13.29
CA THR A 220 -8.10 -19.69 14.57
C THR A 220 -8.42 -18.21 14.61
N THR A 221 -8.28 -17.63 15.80
CA THR A 221 -8.57 -16.21 15.98
C THR A 221 -7.35 -15.34 15.77
N ARG A 222 -6.22 -15.96 15.42
CA ARG A 222 -4.98 -15.24 15.20
C ARG A 222 -4.51 -15.14 13.75
N HIS A 223 -5.20 -15.81 12.83
CA HIS A 223 -4.84 -15.71 11.41
C HIS A 223 -5.93 -16.05 10.39
N LEU A 224 -5.72 -15.50 9.19
CA LEU A 224 -6.62 -15.66 8.07
C LEU A 224 -5.81 -16.12 6.84
N ASN A 225 -6.52 -16.61 5.84
CA ASN A 225 -5.88 -17.09 4.62
C ASN A 225 -5.41 -15.99 3.67
N GLU A 226 -5.71 -14.76 4.04
CA GLU A 226 -5.31 -13.60 3.26
C GLU A 226 -5.02 -12.52 4.28
N ALA A 227 -3.86 -11.89 4.14
CA ALA A 227 -3.46 -10.85 5.08
C ALA A 227 -2.61 -9.78 4.40
N TRP A 228 -2.37 -8.70 5.15
CA TRP A 228 -1.53 -7.64 4.66
C TRP A 228 -0.27 -7.66 5.50
N SER A 229 0.86 -7.77 4.81
CA SER A 229 2.16 -7.83 5.46
C SER A 229 3.00 -6.59 5.26
N ILE A 230 3.73 -6.24 6.30
CA ILE A 230 4.62 -5.09 6.26
C ILE A 230 6.01 -5.73 6.24
N ASP A 231 6.59 -5.79 5.06
CA ASP A 231 7.92 -6.36 4.88
C ASP A 231 8.98 -5.31 4.72
N SER A 232 10.16 -5.61 5.20
CA SER A 232 11.28 -4.70 5.08
C SER A 232 12.57 -5.49 5.08
N GLU A 233 13.55 -4.94 4.40
CA GLU A 233 14.87 -5.53 4.29
C GLU A 233 15.84 -4.36 4.21
N MET A 234 16.92 -4.45 4.96
CA MET A 234 17.93 -3.41 4.97
C MET A 234 19.30 -4.03 4.88
N ALA A 235 20.16 -3.43 4.06
CA ALA A 235 21.52 -3.92 3.85
C ALA A 235 22.56 -3.18 4.68
N PHE A 236 23.76 -3.78 4.73
CA PHE A 236 24.92 -3.27 5.46
C PHE A 236 24.80 -3.31 6.99
N ILE A 237 23.90 -4.16 7.47
CA ILE A 237 23.70 -4.35 8.90
C ILE A 237 24.90 -5.21 9.35
N GLU A 238 25.09 -5.35 10.65
CA GLU A 238 26.19 -6.16 11.17
C GLU A 238 25.69 -7.33 12.00
N ASP A 239 24.43 -7.26 12.40
CA ASP A 239 23.78 -8.32 13.17
C ASP A 239 22.28 -8.08 13.21
N GLU A 240 21.52 -9.11 13.59
CA GLU A 240 20.06 -9.01 13.64
C GLU A 240 19.58 -7.99 14.65
N GLU A 241 20.49 -7.50 15.47
CA GLU A 241 20.14 -6.52 16.47
C GLU A 241 19.76 -5.18 15.84
N GLU A 242 20.41 -4.85 14.72
CA GLU A 242 20.15 -3.59 14.02
C GLU A 242 18.73 -3.60 13.46
N VAL A 243 18.31 -4.77 13.00
CA VAL A 243 16.97 -4.98 12.47
C VAL A 243 15.94 -4.95 13.61
N MET A 244 16.23 -5.66 14.70
CA MET A 244 15.32 -5.68 15.84
C MET A 244 15.10 -4.27 16.36
N SER A 245 16.16 -3.49 16.43
CA SER A 245 16.09 -2.13 16.92
C SER A 245 15.21 -1.26 16.00
N PHE A 246 15.29 -1.48 14.70
CA PHE A 246 14.48 -0.70 13.75
C PHE A 246 13.01 -1.07 13.89
N LEU A 247 12.72 -2.37 13.90
CA LEU A 247 11.37 -2.89 14.03
C LEU A 247 10.71 -2.31 15.28
N GLU A 248 11.49 -2.35 16.34
CA GLU A 248 11.10 -1.84 17.64
C GLU A 248 10.60 -0.40 17.56
N ARG A 249 11.45 0.48 17.01
CA ARG A 249 11.10 1.88 16.86
C ARG A 249 9.92 2.10 15.92
N LEU A 250 9.80 1.25 14.90
CA LEU A 250 8.71 1.35 13.93
C LEU A 250 7.38 1.06 14.62
N VAL A 251 7.35 -0.01 15.41
CA VAL A 251 6.15 -0.41 16.12
C VAL A 251 5.77 0.65 17.16
N ALA A 252 6.76 1.17 17.87
CA ALA A 252 6.54 2.19 18.88
C ALA A 252 5.92 3.43 18.23
N HIS A 253 6.47 3.81 17.07
CA HIS A 253 6.01 4.97 16.34
C HIS A 253 4.55 4.79 15.95
N ALA A 254 4.20 3.60 15.50
CA ALA A 254 2.83 3.29 15.09
C ALA A 254 1.87 3.33 16.27
N ILE A 255 2.34 2.84 17.42
CA ILE A 255 1.54 2.81 18.63
C ILE A 255 1.30 4.23 19.17
N ASN A 256 2.34 5.05 19.13
CA ASN A 256 2.22 6.43 19.62
C ASN A 256 1.39 7.31 18.71
N TYR A 257 1.31 6.96 17.42
CA TYR A 257 0.53 7.73 16.48
C TYR A 257 -0.95 7.48 16.77
N VAL A 258 -1.29 6.23 17.05
CA VAL A 258 -2.66 5.87 17.38
C VAL A 258 -3.04 6.56 18.69
N ARG A 259 -2.07 6.68 19.60
CA ARG A 259 -2.31 7.34 20.87
C ARG A 259 -2.55 8.84 20.74
N GLU A 260 -1.86 9.49 19.79
CA GLU A 260 -2.05 10.92 19.57
C GLU A 260 -3.30 11.24 18.78
N HIS A 261 -3.38 10.64 17.60
CA HIS A 261 -4.46 10.90 16.67
C HIS A 261 -5.75 10.17 16.78
N ASN A 262 -5.77 9.02 17.44
CA ASN A 262 -7.02 8.28 17.59
C ASN A 262 -7.44 8.16 19.04
N ALA A 263 -7.07 9.17 19.82
CA ALA A 263 -7.41 9.21 21.23
C ALA A 263 -8.93 8.99 21.40
N LYS A 264 -9.70 9.66 20.55
CA LYS A 264 -11.16 9.57 20.53
C LYS A 264 -11.65 8.15 20.22
N GLU A 265 -11.00 7.51 19.25
CA GLU A 265 -11.34 6.15 18.83
C GLU A 265 -11.11 5.19 19.97
N LEU A 266 -10.00 5.39 20.68
CA LEU A 266 -9.66 4.55 21.84
C LEU A 266 -10.70 4.69 22.96
N ASP A 267 -11.24 5.90 23.14
CA ASP A 267 -12.25 6.14 24.17
C ASP A 267 -13.49 5.35 23.82
N ILE A 268 -13.87 5.36 22.55
CA ILE A 268 -15.04 4.64 22.09
C ILE A 268 -14.83 3.16 22.36
N LEU A 269 -13.59 2.71 22.21
CA LEU A 269 -13.27 1.31 22.46
C LEU A 269 -13.07 1.07 23.96
N ASN A 270 -13.08 2.14 24.74
CA ASN A 270 -12.84 2.10 26.19
C ASN A 270 -11.61 1.28 26.48
N PHE A 271 -10.55 1.61 25.75
CA PHE A 271 -9.28 0.94 25.82
C PHE A 271 -8.18 1.98 26.07
N GLU A 272 -7.20 1.60 26.88
CA GLU A 272 -6.06 2.45 27.21
C GLU A 272 -4.81 1.88 26.58
N LEU A 273 -4.40 2.45 25.44
CA LEU A 273 -3.21 2.00 24.74
C LEU A 273 -1.99 2.60 25.42
N GLU A 274 -1.16 1.73 25.99
CA GLU A 274 0.05 2.10 26.71
C GLU A 274 1.14 2.74 25.88
N GLU A 275 1.96 3.56 26.53
CA GLU A 275 3.06 4.23 25.87
C GLU A 275 4.22 3.28 25.71
N PRO A 276 4.73 3.11 24.47
CA PRO A 276 5.85 2.22 24.16
C PRO A 276 7.10 2.56 24.96
N LYS A 277 7.64 1.57 25.66
CA LYS A 277 8.86 1.76 26.42
C LYS A 277 10.00 0.98 25.79
N LEU A 278 10.82 1.70 25.05
CA LEU A 278 11.97 1.12 24.38
C LEU A 278 13.20 1.19 25.28
N PRO A 279 14.12 0.23 25.15
CA PRO A 279 13.98 -0.87 24.19
C PRO A 279 13.25 -2.08 24.76
N PHE A 280 12.43 -2.73 23.95
CA PHE A 280 11.72 -3.93 24.36
C PHE A 280 12.73 -4.98 24.80
N PRO A 281 12.36 -5.81 25.78
CA PRO A 281 13.26 -6.86 26.26
C PRO A 281 13.43 -7.99 25.23
N ARG A 282 14.65 -8.50 25.14
CA ARG A 282 14.97 -9.58 24.21
C ARG A 282 15.29 -10.84 24.99
N VAL A 283 14.38 -11.80 24.92
CA VAL A 283 14.52 -13.06 25.60
C VAL A 283 15.02 -14.12 24.61
N SER A 284 16.18 -14.71 24.91
CA SER A 284 16.74 -15.75 24.06
C SER A 284 15.84 -16.96 24.14
N TYR A 285 15.81 -17.75 23.08
CA TYR A 285 14.99 -18.95 23.03
C TYR A 285 15.28 -19.88 24.22
N ASP A 286 16.57 -19.99 24.57
CA ASP A 286 17.01 -20.85 25.68
C ASP A 286 16.47 -20.35 27.01
N LYS A 287 16.51 -19.03 27.21
CA LYS A 287 16.03 -18.42 28.43
C LYS A 287 14.52 -18.55 28.50
N ALA A 288 13.85 -18.34 27.37
CA ALA A 288 12.39 -18.46 27.32
C ALA A 288 12.03 -19.87 27.71
N LEU A 289 12.83 -20.81 27.20
CA LEU A 289 12.64 -22.23 27.46
C LEU A 289 12.77 -22.56 28.96
N GLU A 290 13.66 -21.84 29.63
CA GLU A 290 13.89 -22.00 31.06
C GLU A 290 12.78 -21.35 31.89
N ILE A 291 12.31 -20.18 31.45
CA ILE A 291 11.23 -19.45 32.12
C ILE A 291 10.00 -20.34 32.13
N LEU A 292 9.73 -20.98 30.98
CA LEU A 292 8.60 -21.87 30.84
C LEU A 292 8.78 -23.08 31.74
N GLY A 293 10.04 -23.44 31.99
CA GLY A 293 10.36 -24.57 32.85
C GLY A 293 9.84 -24.34 34.26
N ASP A 294 10.06 -23.14 34.79
CA ASP A 294 9.57 -22.76 36.11
C ASP A 294 8.07 -22.83 36.10
N LEU A 295 7.50 -22.36 35.01
CA LEU A 295 6.05 -22.32 34.84
C LEU A 295 5.45 -23.69 34.54
N GLY A 296 6.28 -24.73 34.59
CA GLY A 296 5.82 -26.08 34.34
C GLY A 296 5.64 -26.52 32.90
N LYS A 297 5.95 -25.64 31.94
CA LYS A 297 5.80 -25.98 30.51
C LYS A 297 7.15 -26.48 29.97
N GLU A 298 7.21 -27.78 29.71
CA GLU A 298 8.42 -28.40 29.18
C GLU A 298 8.40 -28.49 27.67
N ILE A 299 9.31 -27.74 27.05
CA ILE A 299 9.47 -27.72 25.60
C ILE A 299 10.88 -28.19 25.29
N PRO A 300 11.02 -29.38 24.68
CA PRO A 300 12.32 -29.97 24.31
C PRO A 300 13.09 -29.01 23.41
N TRP A 301 14.36 -28.76 23.76
CA TRP A 301 15.19 -27.85 22.98
C TRP A 301 15.12 -28.21 21.51
N GLY A 302 14.87 -27.22 20.67
CA GLY A 302 14.76 -27.46 19.25
C GLY A 302 13.34 -27.27 18.78
N GLU A 303 12.38 -27.71 19.59
CA GLU A 303 10.95 -27.57 19.29
C GLU A 303 10.48 -26.14 19.39
N ASP A 304 9.32 -25.86 18.82
CA ASP A 304 8.77 -24.52 18.83
C ASP A 304 7.93 -24.24 20.05
N ILE A 305 7.96 -22.99 20.50
CA ILE A 305 7.17 -22.57 21.65
C ILE A 305 5.75 -22.50 21.09
N ASP A 306 4.90 -23.43 21.51
CA ASP A 306 3.52 -23.45 21.01
C ASP A 306 2.65 -22.29 21.51
N THR A 307 1.35 -22.41 21.29
CA THR A 307 0.40 -21.37 21.69
C THR A 307 0.34 -21.08 23.19
N GLU A 308 0.33 -22.14 23.99
CA GLU A 308 0.27 -22.00 25.42
C GLU A 308 1.57 -21.46 25.97
N GLY A 309 2.67 -21.88 25.33
CA GLY A 309 3.98 -21.41 25.73
C GLY A 309 4.08 -19.92 25.46
N GLU A 310 3.56 -19.49 24.32
CA GLU A 310 3.58 -18.09 23.96
C GLU A 310 2.75 -17.31 24.95
N ARG A 311 1.58 -17.85 25.27
CA ARG A 311 0.67 -17.22 26.20
C ARG A 311 1.29 -17.05 27.59
N LEU A 312 1.87 -18.12 28.12
CA LEU A 312 2.51 -18.09 29.43
C LEU A 312 3.67 -17.11 29.46
N LEU A 313 4.45 -17.11 28.37
CA LEU A 313 5.59 -16.22 28.24
C LEU A 313 5.22 -14.75 28.21
N GLY A 314 4.21 -14.41 27.39
CA GLY A 314 3.78 -13.02 27.28
C GLY A 314 3.17 -12.52 28.58
N LYS A 315 2.55 -13.43 29.32
CA LYS A 315 1.93 -13.10 30.60
C LYS A 315 3.05 -12.86 31.61
N TYR A 316 4.07 -13.72 31.57
CA TYR A 316 5.21 -13.56 32.48
C TYR A 316 5.85 -12.21 32.20
N MET A 317 6.14 -11.95 30.93
CA MET A 317 6.79 -10.71 30.51
C MET A 317 5.98 -9.46 30.84
N MET A 318 4.66 -9.56 30.76
CA MET A 318 3.81 -8.41 31.06
C MET A 318 3.87 -8.11 32.57
N GLU A 319 3.56 -9.12 33.37
CA GLU A 319 3.54 -8.98 34.82
C GLU A 319 4.89 -8.76 35.50
N ASN A 320 5.91 -9.44 34.99
CA ASN A 320 7.24 -9.37 35.57
C ASN A 320 8.20 -8.41 34.90
N GLU A 321 7.76 -7.79 33.81
CA GLU A 321 8.61 -6.87 33.07
C GLU A 321 7.86 -5.64 32.60
N ASN A 322 6.55 -5.64 32.78
CA ASN A 322 5.68 -4.56 32.32
C ASN A 322 5.97 -4.40 30.83
N ALA A 323 6.15 -5.56 30.20
CA ALA A 323 6.47 -5.62 28.79
C ALA A 323 5.43 -6.34 27.96
N PRO A 324 4.54 -5.57 27.30
CA PRO A 324 3.50 -6.18 26.46
C PRO A 324 4.12 -6.58 25.10
N LEU A 325 5.30 -6.02 24.82
CA LEU A 325 6.04 -6.29 23.58
C LEU A 325 7.45 -6.70 23.96
N TYR A 326 7.92 -7.80 23.37
CA TYR A 326 9.27 -8.27 23.63
C TYR A 326 9.72 -9.22 22.51
N PHE A 327 11.03 -9.33 22.35
CA PHE A 327 11.60 -10.19 21.35
C PHE A 327 12.02 -11.56 21.89
N LEU A 328 11.97 -12.54 21.01
CA LEU A 328 12.39 -13.90 21.30
C LEU A 328 13.38 -14.13 20.17
N TYR A 329 14.64 -14.38 20.51
CA TYR A 329 15.63 -14.55 19.47
C TYR A 329 16.60 -15.72 19.74
N GLN A 330 17.59 -15.87 18.85
CA GLN A 330 18.57 -16.93 18.98
C GLN A 330 17.87 -18.28 19.07
N TYR A 331 17.03 -18.50 18.07
CA TYR A 331 16.26 -19.72 17.92
C TYR A 331 17.13 -20.84 17.37
N PRO A 332 16.67 -22.09 17.51
CA PRO A 332 17.42 -23.23 17.00
C PRO A 332 17.37 -23.11 15.48
N SER A 333 18.54 -23.12 14.86
CA SER A 333 18.67 -23.01 13.41
C SER A 333 17.78 -24.01 12.67
N GLU A 334 17.61 -25.19 13.28
CA GLU A 334 16.80 -26.25 12.73
C GLU A 334 15.34 -25.82 12.56
N ALA A 335 14.90 -24.92 13.43
CA ALA A 335 13.53 -24.42 13.45
C ALA A 335 13.27 -23.20 12.57
N LYS A 336 14.30 -22.71 11.90
CA LYS A 336 14.16 -21.52 11.06
C LYS A 336 14.49 -21.80 9.59
N PRO A 337 14.14 -20.86 8.68
CA PRO A 337 14.35 -20.95 7.22
C PRO A 337 15.80 -20.99 6.73
N PHE A 338 16.00 -21.52 5.52
CA PHE A 338 17.33 -21.65 4.93
C PHE A 338 18.05 -20.33 4.67
N TYR A 339 17.30 -19.23 4.64
CA TYR A 339 17.87 -17.91 4.39
C TYR A 339 18.31 -17.13 5.64
N ILE A 340 18.20 -17.76 6.80
CA ILE A 340 18.63 -17.12 8.04
C ILE A 340 20.08 -17.47 8.28
N MET A 341 20.83 -16.50 8.77
CA MET A 341 22.24 -16.69 9.09
C MET A 341 22.37 -17.32 10.48
N LYS A 342 23.21 -18.34 10.59
CA LYS A 342 23.44 -19.02 11.86
C LYS A 342 24.59 -18.32 12.56
N TYR A 343 24.74 -18.57 13.85
CA TYR A 343 25.86 -18.01 14.58
C TYR A 343 27.03 -18.86 14.18
N ASP A 344 28.00 -18.26 13.50
CA ASP A 344 29.17 -18.99 13.04
C ASP A 344 29.86 -19.64 14.23
N ASN A 345 29.74 -18.99 15.38
CA ASN A 345 30.32 -19.48 16.62
C ASN A 345 29.50 -20.62 17.26
N LYS A 346 28.17 -20.55 17.16
CA LYS A 346 27.26 -21.55 17.72
C LYS A 346 26.21 -21.87 16.66
N PRO A 347 26.60 -22.66 15.64
CA PRO A 347 25.77 -23.07 14.50
C PRO A 347 24.39 -23.61 14.79
N GLU A 348 24.18 -24.18 15.97
CA GLU A 348 22.87 -24.74 16.33
C GLU A 348 21.85 -23.64 16.61
N ILE A 349 22.35 -22.42 16.72
CA ILE A 349 21.55 -21.23 16.99
C ILE A 349 21.65 -20.30 15.79
N CYS A 350 20.57 -19.58 15.49
CA CYS A 350 20.58 -18.68 14.35
C CYS A 350 20.13 -17.25 14.70
N ARG A 351 20.41 -16.34 13.78
CA ARG A 351 20.08 -14.93 13.92
C ARG A 351 18.64 -14.55 13.55
N ALA A 352 17.69 -15.36 14.02
CA ALA A 352 16.27 -15.12 13.78
C ALA A 352 15.63 -14.61 15.06
N PHE A 353 14.53 -13.90 14.92
CA PHE A 353 13.79 -13.35 16.06
C PHE A 353 12.31 -13.23 15.76
N ASP A 354 11.51 -13.11 16.82
CA ASP A 354 10.05 -12.96 16.74
C ASP A 354 9.64 -11.85 17.70
N LEU A 355 8.67 -11.05 17.30
CA LEU A 355 8.17 -9.98 18.16
C LEU A 355 6.83 -10.47 18.73
N GLU A 356 6.69 -10.43 20.05
CA GLU A 356 5.47 -10.86 20.71
C GLU A 356 4.73 -9.66 21.29
N TYR A 357 3.47 -9.50 20.90
CA TYR A 357 2.63 -8.41 21.39
C TYR A 357 1.51 -9.06 22.17
N ARG A 358 1.43 -8.74 23.45
CA ARG A 358 0.43 -9.31 24.34
C ARG A 358 0.37 -10.83 24.22
N GLY A 359 1.53 -11.44 24.03
CA GLY A 359 1.63 -12.90 23.94
C GLY A 359 1.32 -13.58 22.61
N VAL A 360 1.25 -12.81 21.55
CA VAL A 360 0.97 -13.35 20.23
C VAL A 360 2.04 -12.77 19.33
N GLU A 361 2.62 -13.63 18.50
CA GLU A 361 3.67 -13.20 17.58
C GLU A 361 3.10 -12.31 16.48
N ILE A 362 3.66 -11.13 16.32
CA ILE A 362 3.17 -10.21 15.31
C ILE A 362 4.18 -10.00 14.18
N SER A 363 5.39 -10.50 14.36
CA SER A 363 6.44 -10.30 13.37
C SER A 363 7.60 -11.24 13.58
N SER A 364 8.33 -11.52 12.50
CA SER A 364 9.53 -12.35 12.56
C SER A 364 10.53 -11.92 11.51
N GLY A 365 11.80 -12.08 11.81
CA GLY A 365 12.83 -11.71 10.86
C GLY A 365 14.18 -12.19 11.33
N GLY A 366 15.23 -11.51 10.90
CA GLY A 366 16.57 -11.87 11.29
C GLY A 366 17.59 -11.46 10.25
N GLN A 367 18.86 -11.75 10.53
CA GLN A 367 19.90 -11.44 9.56
C GLN A 367 19.92 -12.68 8.64
N ARG A 368 20.05 -12.47 7.35
CA ARG A 368 20.06 -13.59 6.40
C ARG A 368 21.46 -14.03 6.09
N GLU A 369 21.49 -15.06 5.35
CA GLU A 369 22.72 -15.62 4.90
C GLU A 369 23.00 -15.06 3.51
N HIS A 370 23.90 -14.08 3.43
CA HIS A 370 24.26 -13.45 2.16
C HIS A 370 25.40 -14.16 1.43
N ARG A 371 26.03 -15.12 2.11
CA ARG A 371 27.14 -15.89 1.54
C ARG A 371 26.60 -17.01 0.68
N HIS A 372 26.73 -16.85 -0.63
CA HIS A 372 26.26 -17.80 -1.62
C HIS A 372 26.47 -19.29 -1.34
N ASP A 373 27.71 -19.71 -1.19
CA ASP A 373 28.01 -21.10 -0.94
C ASP A 373 27.36 -21.66 0.31
N ILE A 374 27.43 -20.92 1.41
CA ILE A 374 26.84 -21.34 2.67
C ILE A 374 25.34 -21.42 2.50
N LEU A 375 24.78 -20.43 1.80
CA LEU A 375 23.34 -20.35 1.53
C LEU A 375 22.84 -21.56 0.75
N VAL A 376 23.57 -21.94 -0.29
CA VAL A 376 23.21 -23.09 -1.13
C VAL A 376 23.23 -24.34 -0.26
N GLU A 377 24.20 -24.37 0.65
CA GLU A 377 24.34 -25.47 1.58
C GLU A 377 23.15 -25.56 2.50
N GLN A 378 22.70 -24.41 2.99
CA GLN A 378 21.56 -24.35 3.87
C GLN A 378 20.26 -24.71 3.13
N ILE A 379 20.22 -24.49 1.82
CA ILE A 379 19.03 -24.84 1.02
C ILE A 379 18.99 -26.36 0.93
N LYS A 380 20.17 -26.95 0.77
CA LYS A 380 20.31 -28.40 0.72
C LYS A 380 19.92 -28.96 2.09
N GLU A 381 20.48 -28.39 3.16
CA GLU A 381 20.18 -28.82 4.53
C GLU A 381 18.69 -28.87 4.83
N LYS A 382 17.88 -28.09 4.10
CA LYS A 382 16.43 -28.05 4.32
C LYS A 382 15.64 -29.03 3.46
N GLY A 383 16.36 -29.77 2.62
CA GLY A 383 15.70 -30.72 1.74
C GLY A 383 15.12 -30.09 0.48
N LEU A 384 15.66 -28.92 0.12
CA LEU A 384 15.19 -28.21 -1.06
C LEU A 384 16.25 -28.30 -2.16
N ASN A 385 15.86 -28.00 -3.39
CA ASN A 385 16.78 -28.05 -4.51
C ASN A 385 17.26 -26.66 -4.92
N PRO A 386 18.55 -26.35 -4.66
CA PRO A 386 19.14 -25.06 -4.99
C PRO A 386 18.85 -24.60 -6.41
N GLU A 387 18.68 -25.55 -7.33
CA GLU A 387 18.41 -25.23 -8.72
C GLU A 387 17.01 -24.73 -9.02
N SER A 388 16.15 -24.77 -8.01
CA SER A 388 14.78 -24.29 -8.15
C SER A 388 14.82 -22.81 -7.73
N PHE A 389 15.94 -22.41 -7.14
CA PHE A 389 16.15 -21.04 -6.64
C PHE A 389 17.11 -20.23 -7.48
N GLU A 390 17.37 -20.66 -8.71
CA GLU A 390 18.30 -19.99 -9.59
C GLU A 390 18.21 -18.45 -9.63
N PHE A 391 17.05 -17.92 -9.98
CA PHE A 391 16.86 -16.47 -10.06
C PHE A 391 17.27 -15.75 -8.75
N TYR A 392 17.01 -16.42 -7.62
CA TYR A 392 17.30 -15.91 -6.28
C TYR A 392 18.80 -15.94 -6.02
N LEU A 393 19.37 -17.14 -6.02
CA LEU A 393 20.80 -17.35 -5.79
C LEU A 393 21.70 -16.48 -6.65
N LYS A 394 21.29 -16.29 -7.91
CA LYS A 394 22.03 -15.48 -8.87
C LYS A 394 22.38 -14.09 -8.33
N ALA A 395 21.48 -13.53 -7.52
CA ALA A 395 21.66 -12.21 -6.90
C ALA A 395 22.76 -12.16 -5.83
N PHE A 396 23.11 -13.33 -5.30
CA PHE A 396 24.14 -13.44 -4.27
C PHE A 396 25.53 -13.66 -4.87
N ARG A 397 25.63 -13.64 -6.19
CA ARG A 397 26.89 -13.89 -6.87
C ARG A 397 27.70 -12.72 -7.41
N TYR A 398 27.11 -11.52 -7.45
CA TYR A 398 27.84 -10.39 -8.00
C TYR A 398 27.88 -9.19 -7.07
N GLY A 399 28.16 -9.46 -5.80
CA GLY A 399 28.24 -8.41 -4.79
C GLY A 399 26.98 -8.28 -3.97
N MET A 400 26.81 -9.16 -2.99
CA MET A 400 25.64 -9.13 -2.12
C MET A 400 26.05 -8.66 -0.72
N PRO A 401 25.57 -7.47 -0.31
CA PRO A 401 25.91 -6.94 1.01
C PRO A 401 25.23 -7.71 2.15
N PRO A 402 25.72 -7.55 3.37
CA PRO A 402 25.08 -8.27 4.49
C PRO A 402 23.72 -7.63 4.61
N HIS A 403 22.69 -8.38 4.96
CA HIS A 403 21.37 -7.78 5.08
C HIS A 403 20.44 -8.58 5.99
N GLY A 404 19.34 -7.94 6.36
CA GLY A 404 18.36 -8.55 7.22
C GLY A 404 17.06 -7.76 7.13
N GLY A 405 15.96 -8.38 7.56
CA GLY A 405 14.69 -7.70 7.50
C GLY A 405 13.67 -8.40 8.34
N PHE A 406 12.40 -8.10 8.09
CA PHE A 406 11.32 -8.70 8.86
C PHE A 406 10.00 -8.67 8.09
N GLY A 407 9.02 -9.38 8.63
CA GLY A 407 7.69 -9.43 8.06
C GLY A 407 6.83 -9.08 9.26
N LEU A 408 5.98 -8.05 9.13
CA LEU A 408 5.12 -7.61 10.23
C LEU A 408 3.66 -7.79 9.84
N GLY A 409 2.93 -8.61 10.61
CA GLY A 409 1.52 -8.84 10.32
C GLY A 409 0.71 -7.61 10.67
N ALA A 410 0.03 -7.06 9.66
CA ALA A 410 -0.79 -5.87 9.82
C ALA A 410 -2.00 -6.12 10.72
N GLU A 411 -2.77 -7.15 10.37
CA GLU A 411 -3.96 -7.48 11.15
C GLU A 411 -3.58 -7.93 12.56
N ARG A 412 -2.48 -8.66 12.68
CA ARG A 412 -1.99 -9.15 13.97
C ARG A 412 -1.47 -8.01 14.85
N LEU A 413 -0.84 -7.03 14.23
CA LEU A 413 -0.34 -5.87 14.96
C LEU A 413 -1.52 -5.06 15.52
N ILE A 414 -2.56 -4.86 14.71
CA ILE A 414 -3.73 -4.08 15.11
C ILE A 414 -4.61 -4.83 16.13
N LYS A 415 -4.79 -6.13 15.91
CA LYS A 415 -5.57 -6.95 16.82
C LYS A 415 -4.94 -6.94 18.21
N GLN A 416 -3.63 -7.18 18.28
CA GLN A 416 -2.90 -7.21 19.55
C GLN A 416 -2.81 -5.85 20.21
N MET A 417 -2.64 -4.81 19.41
CA MET A 417 -2.55 -3.45 19.90
C MET A 417 -3.82 -3.06 20.66
N LEU A 418 -4.98 -3.41 20.09
CA LEU A 418 -6.26 -3.10 20.68
C LEU A 418 -6.82 -4.20 21.57
N ASP A 419 -6.01 -5.24 21.78
CA ASP A 419 -6.39 -6.39 22.62
C ASP A 419 -7.76 -6.99 22.24
N LEU A 420 -8.01 -7.07 20.93
CA LEU A 420 -9.25 -7.63 20.39
C LEU A 420 -9.21 -9.15 20.43
N PRO A 421 -10.34 -9.77 20.77
CA PRO A 421 -10.44 -11.23 20.85
C PRO A 421 -10.34 -11.97 19.50
N ASN A 422 -10.67 -11.30 18.40
CA ASN A 422 -10.63 -11.97 17.10
C ASN A 422 -10.01 -11.10 16.02
N ILE A 423 -9.15 -11.71 15.21
CA ILE A 423 -8.47 -11.03 14.11
C ILE A 423 -9.42 -10.62 12.98
N ARG A 424 -10.62 -11.21 12.96
CA ARG A 424 -11.61 -10.88 11.95
C ARG A 424 -12.15 -9.50 12.17
N GLU A 425 -11.97 -8.98 13.39
CA GLU A 425 -12.44 -7.66 13.75
C GLU A 425 -11.62 -6.54 13.08
N VAL A 426 -10.38 -6.85 12.70
CA VAL A 426 -9.50 -5.85 12.10
C VAL A 426 -9.33 -5.88 10.58
N ILE A 427 -10.19 -6.62 9.90
CA ILE A 427 -10.16 -6.71 8.45
C ILE A 427 -11.60 -6.78 7.95
N LEU A 428 -11.91 -5.95 6.97
CA LEU A 428 -13.26 -5.85 6.41
C LEU A 428 -13.89 -7.14 5.88
N PHE A 429 -13.22 -7.78 4.93
CA PHE A 429 -13.75 -9.00 4.34
C PHE A 429 -12.76 -10.15 4.53
N PRO A 430 -12.82 -10.78 5.73
CA PRO A 430 -11.96 -11.90 6.14
C PRO A 430 -12.06 -13.13 5.26
N ARG A 431 -10.91 -13.72 4.97
CA ARG A 431 -10.86 -14.93 4.17
C ARG A 431 -10.49 -16.07 5.12
N ASP A 432 -11.48 -16.92 5.39
CA ASP A 432 -11.34 -18.08 6.28
C ASP A 432 -11.19 -19.34 5.47
N ARG A 433 -11.12 -20.44 6.20
CA ARG A 433 -11.04 -21.77 5.64
C ARG A 433 -12.49 -22.08 5.26
N ARG A 434 -13.39 -21.21 5.70
CA ARG A 434 -14.81 -21.35 5.45
C ARG A 434 -15.47 -20.07 4.91
N ARG A 435 -14.74 -18.95 4.89
CA ARG A 435 -15.27 -17.68 4.34
C ARG A 435 -14.62 -17.33 3.01
N LEU A 436 -15.46 -17.18 1.98
CA LEU A 436 -14.99 -16.84 0.63
C LEU A 436 -15.81 -15.66 0.08
N THR A 437 -17.04 -15.54 0.58
CA THR A 437 -17.97 -14.50 0.18
C THR A 437 -18.55 -13.86 1.43
N PRO A 438 -18.80 -12.52 1.41
CA PRO A 438 -18.60 -11.58 0.31
C PRO A 438 -17.11 -11.36 0.06
N MET B 1 26.12 -0.60 11.67
CA MET B 1 26.03 -0.40 10.24
C MET B 1 27.40 -0.17 9.67
N TYR B 2 27.61 -0.63 8.45
CA TYR B 2 28.89 -0.47 7.77
C TYR B 2 29.13 0.93 7.23
N ARG B 3 28.09 1.74 7.24
CA ARG B 3 28.23 3.11 6.77
C ARG B 3 27.48 4.04 7.70
N THR B 4 27.95 5.29 7.73
CA THR B 4 27.36 6.34 8.54
C THR B 4 26.67 7.29 7.58
N HIS B 5 27.21 7.38 6.37
CA HIS B 5 26.67 8.29 5.36
C HIS B 5 26.58 7.75 3.96
N TYR B 6 25.66 8.34 3.20
CA TYR B 6 25.50 8.02 1.80
C TYR B 6 26.29 9.10 1.09
N SER B 7 26.59 8.87 -0.18
CA SER B 7 27.34 9.81 -1.01
C SER B 7 26.73 11.21 -0.96
N SER B 8 25.41 11.26 -0.78
CA SER B 8 24.67 12.51 -0.74
C SER B 8 24.53 13.16 0.63
N GLU B 9 24.81 12.41 1.69
CA GLU B 9 24.68 12.93 3.05
C GLU B 9 25.96 13.56 3.57
N ILE B 10 26.98 13.59 2.73
CA ILE B 10 28.26 14.18 3.14
C ILE B 10 28.32 15.61 2.62
N THR B 11 28.46 16.55 3.56
CA THR B 11 28.50 17.98 3.28
C THR B 11 29.64 18.65 4.04
N GLU B 12 29.84 19.93 3.74
CA GLU B 12 30.86 20.77 4.34
C GLU B 12 31.08 20.58 5.83
N GLU B 13 29.98 20.55 6.58
CA GLU B 13 30.02 20.42 8.04
C GLU B 13 30.89 19.27 8.52
N LEU B 14 31.01 18.24 7.68
CA LEU B 14 31.77 17.05 8.00
C LEU B 14 33.25 17.12 7.63
N ASN B 15 33.64 18.14 6.87
CA ASN B 15 35.03 18.29 6.45
C ASN B 15 35.96 17.99 7.62
N GLY B 16 36.96 17.14 7.36
CA GLY B 16 37.92 16.77 8.38
C GLY B 16 37.45 15.72 9.38
N GLN B 17 36.19 15.31 9.26
CA GLN B 17 35.66 14.31 10.17
C GLN B 17 35.71 12.90 9.59
N LYS B 18 35.80 11.92 10.48
CA LYS B 18 35.82 10.51 10.12
C LYS B 18 34.38 10.10 9.81
N VAL B 19 34.21 9.39 8.69
CA VAL B 19 32.89 8.90 8.27
C VAL B 19 33.07 7.47 7.77
N LYS B 20 31.96 6.80 7.54
CA LYS B 20 31.98 5.43 7.05
C LYS B 20 31.03 5.34 5.87
N VAL B 21 31.56 4.90 4.73
CA VAL B 21 30.77 4.76 3.52
C VAL B 21 30.88 3.32 3.04
N ALA B 22 29.88 2.86 2.32
CA ALA B 22 29.86 1.49 1.82
C ALA B 22 29.12 1.43 0.51
N GLY B 23 29.51 0.48 -0.35
CA GLY B 23 28.85 0.35 -1.63
C GLY B 23 29.53 -0.67 -2.50
N TRP B 24 29.41 -0.51 -3.81
CA TRP B 24 30.02 -1.44 -4.77
C TRP B 24 31.19 -0.77 -5.45
N VAL B 25 32.28 -1.51 -5.61
CA VAL B 25 33.46 -0.96 -6.27
C VAL B 25 33.05 -0.54 -7.69
N TRP B 26 33.14 0.76 -7.94
CA TRP B 26 32.79 1.31 -9.24
C TRP B 26 33.99 1.36 -10.14
N GLU B 27 35.09 1.91 -9.63
CA GLU B 27 36.31 2.03 -10.41
C GLU B 27 37.54 2.13 -9.53
N VAL B 28 38.65 1.59 -10.03
CA VAL B 28 39.92 1.65 -9.31
C VAL B 28 40.99 2.14 -10.28
N LYS B 29 41.78 3.11 -9.85
CA LYS B 29 42.86 3.65 -10.67
C LYS B 29 44.16 3.66 -9.90
N ASP B 30 45.04 2.75 -10.26
CA ASP B 30 46.34 2.65 -9.64
C ASP B 30 47.24 3.47 -10.53
N LEU B 31 47.54 4.69 -10.09
CA LEU B 31 48.39 5.55 -10.87
C LEU B 31 49.80 5.59 -10.26
N GLY B 32 50.18 4.50 -9.61
CA GLY B 32 51.50 4.40 -9.01
C GLY B 32 51.63 5.09 -7.68
N GLY B 33 52.05 6.36 -7.70
CA GLY B 33 52.24 7.13 -6.47
C GLY B 33 50.98 7.48 -5.72
N ILE B 34 49.84 7.32 -6.37
CA ILE B 34 48.55 7.61 -5.77
C ILE B 34 47.50 6.72 -6.41
N LYS B 35 46.58 6.20 -5.61
CA LYS B 35 45.51 5.35 -6.11
C LYS B 35 44.13 5.95 -5.85
N PHE B 36 43.15 5.55 -6.66
CA PHE B 36 41.79 6.04 -6.55
C PHE B 36 40.77 4.91 -6.54
N LEU B 37 39.81 4.99 -5.62
CA LEU B 37 38.77 3.98 -5.49
C LEU B 37 37.42 4.67 -5.43
N TRP B 38 36.58 4.46 -6.45
CA TRP B 38 35.26 5.04 -6.45
C TRP B 38 34.26 3.98 -6.05
N ILE B 39 33.44 4.32 -5.05
CA ILE B 39 32.40 3.43 -4.54
C ILE B 39 31.02 3.92 -4.97
N ARG B 40 30.16 3.01 -5.41
CA ARG B 40 28.83 3.38 -5.82
C ARG B 40 27.79 3.11 -4.74
N ASP B 41 26.95 4.12 -4.56
CA ASP B 41 25.85 4.16 -3.60
C ASP B 41 24.56 4.20 -4.38
N ARG B 42 23.44 4.19 -3.66
CA ARG B 42 22.15 4.27 -4.33
C ARG B 42 21.99 5.75 -4.76
N ASP B 43 22.78 6.63 -4.13
CA ASP B 43 22.74 8.05 -4.43
C ASP B 43 23.80 8.53 -5.39
N GLY B 44 24.87 7.77 -5.54
CA GLY B 44 25.93 8.18 -6.45
C GLY B 44 27.26 7.58 -6.10
N ILE B 45 28.33 8.25 -6.54
CA ILE B 45 29.70 7.79 -6.31
C ILE B 45 30.46 8.59 -5.24
N VAL B 46 31.42 7.93 -4.60
CA VAL B 46 32.27 8.55 -3.59
C VAL B 46 33.72 8.25 -3.94
N GLN B 47 34.53 9.29 -3.99
CA GLN B 47 35.93 9.16 -4.32
C GLN B 47 36.79 8.93 -3.09
N ILE B 48 37.54 7.85 -3.12
CA ILE B 48 38.46 7.49 -2.04
C ILE B 48 39.83 7.70 -2.68
N THR B 49 40.63 8.61 -2.12
CA THR B 49 41.95 8.86 -2.68
C THR B 49 43.04 8.38 -1.73
N ALA B 50 44.02 7.67 -2.28
CA ALA B 50 45.11 7.13 -1.47
C ALA B 50 46.52 7.51 -1.92
N PRO B 51 47.04 8.65 -1.41
CA PRO B 51 48.39 9.12 -1.75
C PRO B 51 49.33 8.19 -0.99
N LYS B 52 50.18 7.48 -1.71
CA LYS B 52 51.12 6.54 -1.09
C LYS B 52 51.68 6.91 0.29
N LYS B 53 52.03 8.17 0.46
CA LYS B 53 52.61 8.66 1.71
C LYS B 53 51.63 8.98 2.84
N LYS B 54 50.35 9.10 2.49
CA LYS B 54 49.33 9.40 3.49
C LYS B 54 48.51 8.21 3.95
N VAL B 55 48.58 7.09 3.22
CA VAL B 55 47.80 5.91 3.59
C VAL B 55 48.64 4.71 4.00
N ASP B 56 48.00 3.84 4.77
CA ASP B 56 48.57 2.60 5.28
C ASP B 56 49.10 1.76 4.11
N PRO B 57 50.32 1.20 4.26
CA PRO B 57 50.95 0.37 3.23
C PRO B 57 50.10 -0.81 2.80
N GLU B 58 49.53 -1.52 3.78
CA GLU B 58 48.68 -2.68 3.51
C GLU B 58 47.47 -2.25 2.69
N LEU B 59 47.02 -1.03 2.97
CA LEU B 59 45.86 -0.45 2.30
C LEU B 59 46.23 -0.03 0.89
N PHE B 60 47.46 0.44 0.71
CA PHE B 60 47.93 0.86 -0.59
C PHE B 60 47.92 -0.33 -1.55
N LYS B 61 48.39 -1.50 -1.09
CA LYS B 61 48.43 -2.68 -1.94
C LYS B 61 47.13 -3.44 -2.06
N LEU B 62 46.18 -3.15 -1.17
CA LEU B 62 44.86 -3.79 -1.21
C LEU B 62 44.01 -3.24 -2.35
N ILE B 63 44.01 -1.90 -2.48
CA ILE B 63 43.23 -1.20 -3.51
C ILE B 63 43.32 -1.80 -4.92
N PRO B 64 44.54 -2.02 -5.45
CA PRO B 64 44.62 -2.60 -6.80
C PRO B 64 44.04 -4.03 -6.90
N LYS B 65 43.80 -4.67 -5.75
CA LYS B 65 43.24 -6.03 -5.73
C LYS B 65 41.71 -6.02 -5.90
N LEU B 66 41.06 -4.94 -5.47
CA LEU B 66 39.61 -4.80 -5.57
C LEU B 66 39.13 -4.92 -7.02
N ARG B 67 38.02 -5.62 -7.22
CA ARG B 67 37.47 -5.80 -8.56
C ARG B 67 36.09 -5.11 -8.66
N SER B 68 35.67 -4.87 -9.89
CA SER B 68 34.38 -4.23 -10.16
C SER B 68 33.24 -4.97 -9.45
N GLU B 69 32.32 -4.20 -8.89
CA GLU B 69 31.15 -4.71 -8.19
C GLU B 69 31.36 -5.41 -6.85
N ASP B 70 32.55 -5.30 -6.29
CA ASP B 70 32.84 -5.88 -4.97
C ASP B 70 32.14 -5.00 -3.92
N VAL B 71 31.51 -5.61 -2.93
CA VAL B 71 30.88 -4.83 -1.86
C VAL B 71 31.96 -4.54 -0.85
N VAL B 72 32.27 -3.26 -0.66
CA VAL B 72 33.30 -2.82 0.26
C VAL B 72 32.78 -1.76 1.21
N ALA B 73 33.53 -1.56 2.29
CA ALA B 73 33.20 -0.57 3.31
C ALA B 73 34.50 0.17 3.62
N VAL B 74 34.44 1.50 3.58
CA VAL B 74 35.61 2.34 3.83
C VAL B 74 35.40 3.34 4.98
N GLU B 75 36.35 3.38 5.89
CA GLU B 75 36.29 4.34 6.99
C GLU B 75 37.45 5.29 6.79
N GLY B 76 37.17 6.59 6.78
CA GLY B 76 38.24 7.55 6.57
C GLY B 76 37.83 8.96 6.88
N VAL B 77 38.73 9.89 6.58
CA VAL B 77 38.45 11.30 6.85
C VAL B 77 37.99 12.04 5.61
N VAL B 78 36.87 12.75 5.74
CA VAL B 78 36.29 13.54 4.65
C VAL B 78 37.20 14.72 4.38
N ASN B 79 37.45 14.98 3.10
CA ASN B 79 38.31 16.09 2.73
C ASN B 79 37.76 16.86 1.55
N PHE B 80 37.26 18.06 1.85
CA PHE B 80 36.72 18.92 0.82
C PHE B 80 37.85 19.63 0.09
N THR B 81 37.89 19.40 -1.21
CA THR B 81 38.92 19.96 -2.09
C THR B 81 38.34 20.15 -3.49
N PRO B 82 38.85 21.17 -4.23
CA PRO B 82 38.37 21.44 -5.59
C PRO B 82 38.91 20.37 -6.57
N LYS B 83 39.88 19.58 -6.10
CA LYS B 83 40.48 18.52 -6.90
C LYS B 83 39.51 17.37 -7.13
N ALA B 84 38.64 17.15 -6.14
CA ALA B 84 37.65 16.09 -6.20
C ALA B 84 36.46 16.58 -7.02
N LYS B 85 36.14 15.82 -8.07
CA LYS B 85 35.03 16.17 -8.96
C LYS B 85 33.71 16.41 -8.25
N LEU B 86 33.47 15.68 -7.16
CA LEU B 86 32.23 15.82 -6.42
C LEU B 86 32.32 16.74 -5.21
N GLY B 87 33.40 17.52 -5.11
CA GLY B 87 33.55 18.44 -4.00
C GLY B 87 34.43 17.99 -2.85
N PHE B 88 34.37 16.70 -2.54
CA PHE B 88 35.17 16.16 -1.45
C PHE B 88 35.62 14.75 -1.79
N GLU B 89 36.53 14.23 -0.99
CA GLU B 89 37.03 12.88 -1.17
C GLU B 89 37.28 12.29 0.22
N ILE B 90 37.52 10.99 0.27
CA ILE B 90 37.77 10.32 1.53
C ILE B 90 39.20 9.80 1.56
N LEU B 91 39.90 10.09 2.65
CA LEU B 91 41.26 9.62 2.86
C LEU B 91 41.07 8.40 3.78
N PRO B 92 41.09 7.20 3.19
CA PRO B 92 40.91 5.91 3.84
C PRO B 92 41.84 5.55 5.00
N GLU B 93 41.24 5.05 6.06
CA GLU B 93 41.96 4.60 7.24
C GLU B 93 41.83 3.09 7.28
N LYS B 94 40.70 2.60 6.80
CA LYS B 94 40.43 1.18 6.77
C LYS B 94 39.47 0.87 5.63
N ILE B 95 39.75 -0.23 4.92
CA ILE B 95 38.93 -0.70 3.81
C ILE B 95 38.66 -2.19 4.01
N VAL B 96 37.39 -2.56 4.04
CA VAL B 96 36.98 -3.95 4.24
C VAL B 96 36.18 -4.43 3.04
N VAL B 97 36.48 -5.64 2.59
CA VAL B 97 35.74 -6.23 1.48
C VAL B 97 34.68 -7.09 2.14
N LEU B 98 33.44 -6.67 2.00
CA LEU B 98 32.32 -7.36 2.59
C LEU B 98 31.87 -8.55 1.75
N ASN B 99 32.08 -8.48 0.44
CA ASN B 99 31.67 -9.55 -0.46
C ASN B 99 32.28 -9.33 -1.85
N ARG B 100 32.93 -10.37 -2.39
CA ARG B 100 33.53 -10.30 -3.71
C ARG B 100 32.53 -10.71 -4.78
N ALA B 101 32.62 -10.09 -5.96
CA ALA B 101 31.71 -10.37 -7.07
C ALA B 101 32.32 -11.31 -8.11
N GLU B 102 31.48 -12.12 -8.74
CA GLU B 102 31.94 -13.03 -9.78
C GLU B 102 32.02 -12.30 -11.10
N THR B 103 32.62 -12.94 -12.09
CA THR B 103 32.78 -12.33 -13.40
C THR B 103 32.65 -13.43 -14.47
N PRO B 104 32.01 -13.13 -15.60
CA PRO B 104 31.38 -11.86 -15.96
C PRO B 104 30.04 -11.55 -15.28
N LEU B 105 29.69 -10.27 -15.27
CA LEU B 105 28.45 -9.80 -14.69
C LEU B 105 27.35 -10.05 -15.72
N PRO B 106 26.10 -10.30 -15.27
CA PRO B 106 24.97 -10.54 -16.16
C PRO B 106 24.65 -9.35 -17.05
N LEU B 107 24.92 -8.15 -16.53
CA LEU B 107 24.67 -6.92 -17.25
C LEU B 107 25.84 -6.00 -17.01
N ASP B 108 25.97 -5.01 -17.88
CA ASP B 108 27.03 -4.00 -17.78
C ASP B 108 26.46 -2.79 -17.02
N PRO B 109 26.74 -2.70 -15.70
CA PRO B 109 26.26 -1.62 -14.83
C PRO B 109 26.88 -0.28 -15.23
N THR B 110 27.90 -0.38 -16.08
CA THR B 110 28.62 0.78 -16.60
C THR B 110 27.77 1.41 -17.71
N GLY B 111 26.93 0.60 -18.35
CA GLY B 111 26.07 1.08 -19.41
C GLY B 111 26.60 1.05 -20.84
N LYS B 112 27.91 0.84 -21.05
CA LYS B 112 28.48 0.82 -22.41
C LYS B 112 27.62 -0.04 -23.32
N VAL B 113 27.54 -1.32 -22.95
CA VAL B 113 26.80 -2.33 -23.69
C VAL B 113 25.35 -2.42 -23.27
N LYS B 114 24.44 -2.14 -24.21
CA LYS B 114 23.01 -2.22 -23.93
C LYS B 114 22.59 -3.69 -23.89
N ALA B 115 21.55 -3.99 -23.12
CA ALA B 115 21.04 -5.35 -23.00
C ALA B 115 19.55 -5.36 -23.21
N GLU B 116 19.05 -6.44 -23.82
CA GLU B 116 17.62 -6.56 -24.07
C GLU B 116 16.82 -6.41 -22.79
N LEU B 117 15.57 -5.96 -22.95
CA LEU B 117 14.68 -5.77 -21.82
C LEU B 117 14.56 -7.07 -21.02
N ASP B 118 14.46 -8.19 -21.72
CA ASP B 118 14.34 -9.51 -21.08
C ASP B 118 15.51 -9.84 -20.17
N THR B 119 16.71 -9.54 -20.64
CA THR B 119 17.93 -9.79 -19.87
C THR B 119 17.95 -8.96 -18.60
N ARG B 120 17.51 -7.71 -18.72
CA ARG B 120 17.47 -6.80 -17.60
C ARG B 120 16.45 -7.20 -16.55
N LEU B 121 15.30 -7.71 -16.99
CA LEU B 121 14.24 -8.15 -16.09
C LEU B 121 14.64 -9.44 -15.38
N ASP B 122 15.50 -10.21 -16.04
CA ASP B 122 16.00 -11.45 -15.47
C ASP B 122 17.09 -11.14 -14.42
N ASN B 123 17.70 -9.96 -14.53
CA ASN B 123 18.75 -9.54 -13.59
C ASN B 123 18.47 -8.16 -13.04
N ARG B 124 17.29 -7.99 -12.45
CA ARG B 124 16.88 -6.71 -11.91
C ARG B 124 17.84 -6.14 -10.88
N PHE B 125 18.49 -7.01 -10.09
CA PHE B 125 19.44 -6.57 -9.06
C PHE B 125 20.63 -5.86 -9.71
N MET B 126 20.94 -6.26 -10.93
CA MET B 126 22.03 -5.68 -11.71
C MET B 126 21.53 -4.41 -12.39
N ASP B 127 20.38 -4.53 -13.06
CA ASP B 127 19.76 -3.43 -13.79
C ASP B 127 19.59 -2.14 -12.99
N LEU B 128 19.15 -2.27 -11.74
CA LEU B 128 18.94 -1.10 -10.88
C LEU B 128 20.23 -0.39 -10.51
N ARG B 129 21.37 -1.04 -10.76
CA ARG B 129 22.67 -0.44 -10.45
C ARG B 129 22.96 0.72 -11.41
N ARG B 130 22.19 0.79 -12.48
CA ARG B 130 22.34 1.87 -13.43
C ARG B 130 21.44 3.00 -12.96
N PRO B 131 22.03 4.18 -12.72
CA PRO B 131 21.39 5.41 -12.26
C PRO B 131 20.01 5.71 -12.86
N GLU B 132 19.91 5.61 -14.19
CA GLU B 132 18.66 5.86 -14.89
C GLU B 132 17.56 4.84 -14.63
N VAL B 133 17.94 3.64 -14.18
CA VAL B 133 16.94 2.62 -13.86
C VAL B 133 16.52 2.82 -12.39
N MET B 134 17.50 3.13 -11.55
CA MET B 134 17.29 3.38 -10.13
C MET B 134 16.37 4.59 -9.99
N ALA B 135 16.60 5.59 -10.85
CA ALA B 135 15.82 6.81 -10.85
C ALA B 135 14.31 6.59 -11.00
N ILE B 136 13.93 5.64 -11.84
CA ILE B 136 12.53 5.31 -12.10
C ILE B 136 11.82 4.81 -10.84
N PHE B 137 12.43 3.85 -10.16
CA PHE B 137 11.83 3.28 -8.96
C PHE B 137 11.85 4.19 -7.75
N LYS B 138 12.74 5.19 -7.78
CA LYS B 138 12.80 6.18 -6.71
C LYS B 138 11.58 7.06 -6.96
N ILE B 139 11.33 7.34 -8.25
CA ILE B 139 10.19 8.15 -8.66
C ILE B 139 8.88 7.41 -8.42
N ARG B 140 8.87 6.10 -8.66
CA ARG B 140 7.68 5.29 -8.43
C ARG B 140 7.30 5.38 -6.96
N SER B 141 8.30 5.21 -6.11
CA SER B 141 8.10 5.27 -4.67
C SER B 141 7.56 6.65 -4.28
N SER B 142 8.08 7.70 -4.90
CA SER B 142 7.64 9.08 -4.61
C SER B 142 6.19 9.32 -4.98
N VAL B 143 5.80 8.77 -6.13
CA VAL B 143 4.44 8.90 -6.64
C VAL B 143 3.44 8.30 -5.66
N PHE B 144 3.72 7.08 -5.20
CA PHE B 144 2.84 6.42 -4.24
C PHE B 144 2.70 7.25 -2.98
N LYS B 145 3.83 7.76 -2.51
CA LYS B 145 3.84 8.58 -1.31
C LYS B 145 2.99 9.85 -1.46
N ALA B 146 3.17 10.55 -2.57
CA ALA B 146 2.43 11.79 -2.85
C ALA B 146 0.93 11.51 -2.91
N VAL B 147 0.57 10.47 -3.68
CA VAL B 147 -0.82 10.06 -3.86
C VAL B 147 -1.48 9.81 -2.50
N ARG B 148 -0.81 9.06 -1.64
CA ARG B 148 -1.32 8.77 -0.30
C ARG B 148 -1.42 10.01 0.54
N ASP B 149 -0.45 10.91 0.38
CA ASP B 149 -0.43 12.17 1.12
C ASP B 149 -1.65 12.99 0.78
N PHE B 150 -1.90 13.15 -0.52
CA PHE B 150 -3.06 13.91 -0.99
C PHE B 150 -4.37 13.35 -0.45
N PHE B 151 -4.50 12.02 -0.44
CA PHE B 151 -5.72 11.38 0.06
C PHE B 151 -5.94 11.71 1.53
N HIS B 152 -4.88 11.61 2.32
CA HIS B 152 -4.98 11.88 3.73
C HIS B 152 -5.39 13.32 4.01
N GLU B 153 -4.75 14.26 3.32
CA GLU B 153 -5.03 15.68 3.47
C GLU B 153 -6.45 16.02 3.10
N ASN B 154 -7.11 15.16 2.33
CA ASN B 154 -8.50 15.38 1.92
C ASN B 154 -9.49 14.53 2.68
N GLY B 155 -9.06 13.97 3.81
CA GLY B 155 -9.94 13.16 4.62
C GLY B 155 -10.28 11.79 4.09
N PHE B 156 -9.39 11.18 3.33
CA PHE B 156 -9.66 9.85 2.82
C PHE B 156 -9.06 8.81 3.76
N ILE B 157 -9.81 7.73 3.99
CA ILE B 157 -9.37 6.66 4.84
C ILE B 157 -8.92 5.50 3.96
N GLU B 158 -7.76 4.91 4.26
CA GLU B 158 -7.28 3.78 3.47
C GLU B 158 -7.99 2.50 3.90
N ILE B 159 -8.59 1.81 2.92
CA ILE B 159 -9.28 0.56 3.20
C ILE B 159 -8.62 -0.55 2.41
N HIS B 160 -8.88 -1.78 2.80
CA HIS B 160 -8.30 -2.93 2.13
C HIS B 160 -9.40 -3.95 1.85
N THR B 161 -9.58 -4.26 0.58
CA THR B 161 -10.61 -5.22 0.13
C THR B 161 -9.96 -6.56 -0.24
N PRO B 162 -10.75 -7.63 -0.33
CA PRO B 162 -10.23 -8.97 -0.67
C PRO B 162 -9.68 -9.14 -2.08
N LYS B 163 -8.61 -9.92 -2.20
CA LYS B 163 -7.96 -10.21 -3.49
C LYS B 163 -8.46 -11.55 -4.02
N ILE B 164 -9.04 -12.37 -3.12
CA ILE B 164 -9.59 -13.66 -3.48
C ILE B 164 -11.11 -13.49 -3.43
N ILE B 165 -11.74 -13.59 -4.59
CA ILE B 165 -13.18 -13.40 -4.71
C ILE B 165 -13.90 -14.59 -5.36
N ALA B 166 -15.20 -14.68 -5.10
CA ALA B 166 -16.05 -15.73 -5.65
C ALA B 166 -17.34 -15.07 -6.10
N THR B 167 -17.37 -13.75 -6.01
CA THR B 167 -18.53 -12.96 -6.39
C THR B 167 -18.54 -12.59 -7.89
N ALA B 168 -19.72 -12.24 -8.38
CA ALA B 168 -19.90 -11.88 -9.80
C ALA B 168 -19.25 -10.57 -10.23
N THR B 169 -19.07 -10.43 -11.56
CA THR B 169 -18.47 -9.24 -12.18
C THR B 169 -19.12 -9.02 -13.56
N GLU B 170 -19.18 -7.76 -14.01
CA GLU B 170 -19.80 -7.48 -15.31
C GLU B 170 -18.95 -8.02 -16.46
N GLY B 171 -17.70 -8.33 -16.15
CA GLY B 171 -16.78 -8.81 -17.17
C GLY B 171 -16.81 -10.28 -17.55
N GLY B 172 -16.38 -11.13 -16.62
CA GLY B 172 -16.30 -12.54 -16.93
C GLY B 172 -14.85 -12.97 -16.95
N THR B 173 -14.20 -12.92 -18.12
CA THR B 173 -12.80 -13.35 -18.15
C THR B 173 -11.71 -12.33 -17.90
N GLU B 174 -10.49 -12.81 -18.06
CA GLU B 174 -9.26 -12.08 -17.81
C GLU B 174 -9.12 -12.19 -16.30
N LEU B 175 -9.90 -13.09 -15.73
CA LEU B 175 -9.90 -13.39 -14.31
C LEU B 175 -9.09 -14.65 -14.15
N PHE B 176 -8.17 -14.63 -13.21
CA PHE B 176 -7.34 -15.79 -12.93
C PHE B 176 -8.13 -16.71 -12.02
N PRO B 177 -8.67 -17.81 -12.57
CA PRO B 177 -9.42 -18.74 -11.73
C PRO B 177 -8.48 -19.35 -10.71
N MET B 178 -9.01 -19.72 -9.56
CA MET B 178 -8.19 -20.27 -8.49
C MET B 178 -9.04 -21.21 -7.66
N LYS B 179 -8.40 -22.00 -6.82
CA LYS B 179 -9.13 -22.93 -6.00
C LYS B 179 -8.99 -22.59 -4.54
N TYR B 180 -10.13 -22.35 -3.90
CA TYR B 180 -10.13 -22.03 -2.49
C TYR B 180 -10.62 -23.29 -1.77
N PHE B 181 -9.70 -24.22 -1.55
CA PHE B 181 -10.02 -25.49 -0.92
C PHE B 181 -11.02 -26.23 -1.81
N GLU B 182 -12.25 -26.41 -1.32
CA GLU B 182 -13.31 -27.09 -2.07
C GLU B 182 -14.00 -26.14 -3.04
N GLU B 183 -14.06 -24.86 -2.65
CA GLU B 183 -14.70 -23.84 -3.45
C GLU B 183 -13.80 -23.34 -4.59
N ASP B 184 -14.43 -22.67 -5.55
CA ASP B 184 -13.72 -22.10 -6.70
C ASP B 184 -13.76 -20.58 -6.56
N ALA B 185 -12.60 -19.94 -6.68
CA ALA B 185 -12.50 -18.51 -6.57
C ALA B 185 -11.69 -17.94 -7.72
N PHE B 186 -11.45 -16.62 -7.71
CA PHE B 186 -10.68 -15.93 -8.75
C PHE B 186 -9.93 -14.83 -8.06
N LEU B 187 -8.93 -14.29 -8.75
CA LEU B 187 -8.19 -13.16 -8.20
C LEU B 187 -9.00 -11.93 -8.65
N ALA B 188 -9.15 -10.96 -7.76
CA ALA B 188 -9.90 -9.76 -8.09
C ALA B 188 -9.12 -8.88 -9.05
N GLN B 189 -9.81 -8.30 -10.03
CA GLN B 189 -9.17 -7.41 -10.98
C GLN B 189 -9.56 -5.96 -10.71
N SER B 190 -10.37 -5.75 -9.67
CA SER B 190 -10.83 -4.42 -9.26
C SER B 190 -11.66 -4.47 -7.96
N PRO B 191 -11.50 -3.46 -7.09
CA PRO B 191 -12.25 -3.40 -5.82
C PRO B 191 -13.61 -2.73 -6.01
N GLN B 192 -13.91 -2.34 -7.26
CA GLN B 192 -15.14 -1.65 -7.64
C GLN B 192 -16.37 -1.85 -6.78
N LEU B 193 -16.86 -3.10 -6.74
CA LEU B 193 -18.06 -3.44 -5.99
C LEU B 193 -17.89 -3.31 -4.49
N TYR B 194 -16.72 -3.63 -3.99
CA TYR B 194 -16.46 -3.54 -2.56
C TYR B 194 -16.35 -2.11 -2.06
N LYS B 195 -15.67 -1.26 -2.83
CA LYS B 195 -15.51 0.13 -2.45
C LYS B 195 -16.85 0.89 -2.51
N GLN B 196 -17.73 0.46 -3.42
CA GLN B 196 -19.07 1.05 -3.55
C GLN B 196 -19.90 0.64 -2.33
N ILE B 197 -19.83 -0.63 -1.98
CA ILE B 197 -20.51 -1.21 -0.82
C ILE B 197 -20.13 -0.40 0.43
N MET B 198 -18.86 -0.02 0.53
CA MET B 198 -18.39 0.75 1.67
C MET B 198 -18.91 2.19 1.71
N MET B 199 -19.60 2.60 0.66
CA MET B 199 -20.18 3.93 0.59
C MET B 199 -21.49 3.96 1.38
N ALA B 200 -21.94 2.80 1.80
CA ALA B 200 -23.17 2.66 2.58
C ALA B 200 -22.86 2.47 4.07
N SER B 201 -21.58 2.58 4.42
CA SER B 201 -21.13 2.40 5.80
C SER B 201 -20.79 3.72 6.50
N GLY B 202 -20.62 4.77 5.71
CA GLY B 202 -20.31 6.07 6.29
C GLY B 202 -18.84 6.43 6.26
N LEU B 203 -17.98 5.55 5.75
CA LEU B 203 -16.56 5.86 5.65
C LEU B 203 -16.40 7.08 4.74
N ASP B 204 -17.37 7.23 3.84
CA ASP B 204 -17.46 8.34 2.89
C ASP B 204 -16.40 8.48 1.83
N ARG B 205 -15.20 8.85 2.26
CA ARG B 205 -14.08 9.04 1.35
C ARG B 205 -13.03 7.97 1.64
N VAL B 206 -12.99 6.96 0.77
CA VAL B 206 -12.05 5.86 0.91
C VAL B 206 -11.12 5.70 -0.28
N TYR B 207 -10.04 4.96 -0.05
CA TYR B 207 -9.06 4.70 -1.09
C TYR B 207 -8.29 3.46 -0.74
N GLU B 208 -7.74 2.85 -1.77
CA GLU B 208 -6.94 1.65 -1.65
C GLU B 208 -5.92 1.59 -2.77
N ILE B 209 -4.72 1.18 -2.43
CA ILE B 209 -3.65 1.01 -3.40
C ILE B 209 -3.26 -0.44 -3.16
N ALA B 210 -3.58 -1.29 -4.12
CA ALA B 210 -3.32 -2.71 -4.00
C ALA B 210 -3.18 -3.33 -5.36
N PRO B 211 -2.67 -4.57 -5.43
CA PRO B 211 -2.53 -5.22 -6.74
C PRO B 211 -3.83 -5.82 -7.26
N ILE B 212 -4.01 -5.73 -8.58
CA ILE B 212 -5.17 -6.29 -9.28
C ILE B 212 -4.61 -7.26 -10.31
N PHE B 213 -5.40 -8.28 -10.66
CA PHE B 213 -4.92 -9.30 -11.58
C PHE B 213 -5.80 -9.50 -12.78
N ARG B 214 -5.19 -9.44 -13.96
CA ARG B 214 -5.91 -9.60 -15.21
C ARG B 214 -5.13 -10.56 -16.07
N ALA B 215 -5.78 -11.63 -16.50
CA ALA B 215 -5.19 -12.66 -17.36
C ALA B 215 -5.40 -12.36 -18.83
N GLU B 216 -4.85 -11.25 -19.30
CA GLU B 216 -4.96 -10.89 -20.70
C GLU B 216 -4.08 -11.86 -21.49
N GLU B 217 -4.63 -12.38 -22.59
CA GLU B 217 -3.92 -13.35 -23.41
C GLU B 217 -2.81 -12.77 -24.28
N HIS B 218 -2.80 -11.45 -24.43
CA HIS B 218 -1.80 -10.80 -25.27
C HIS B 218 -1.01 -9.70 -24.57
N ASN B 219 0.28 -9.66 -24.89
CA ASN B 219 1.18 -8.67 -24.32
C ASN B 219 1.07 -7.35 -25.04
N THR B 220 1.22 -6.26 -24.30
CA THR B 220 1.18 -4.92 -24.86
C THR B 220 2.18 -4.10 -24.07
N THR B 221 2.61 -2.98 -24.62
CA THR B 221 3.56 -2.08 -23.96
C THR B 221 2.84 -1.25 -22.90
N ARG B 222 1.50 -1.33 -22.87
CA ARG B 222 0.66 -0.56 -21.95
C ARG B 222 0.12 -1.24 -20.69
N HIS B 223 -0.03 -2.56 -20.70
CA HIS B 223 -0.54 -3.23 -19.51
C HIS B 223 0.17 -4.54 -19.19
N LEU B 224 -0.06 -5.03 -17.98
CA LEU B 224 0.53 -6.28 -17.50
C LEU B 224 -0.55 -7.12 -16.82
N ASN B 225 -0.23 -8.38 -16.55
CA ASN B 225 -1.16 -9.32 -15.93
C ASN B 225 -1.31 -9.09 -14.43
N GLU B 226 -0.39 -8.30 -13.87
CA GLU B 226 -0.41 -7.95 -12.46
C GLU B 226 -0.05 -6.46 -12.41
N ALA B 227 -0.86 -5.69 -11.70
CA ALA B 227 -0.65 -4.26 -11.59
C ALA B 227 -1.09 -3.69 -10.24
N TRP B 228 -0.68 -2.45 -9.98
CA TRP B 228 -1.06 -1.78 -8.74
C TRP B 228 -2.02 -0.67 -9.10
N SER B 229 -3.23 -0.80 -8.58
CA SER B 229 -4.26 0.17 -8.84
C SER B 229 -4.46 1.09 -7.65
N ILE B 230 -4.82 2.33 -7.95
CA ILE B 230 -5.09 3.34 -6.94
C ILE B 230 -6.57 3.64 -7.10
N ASP B 231 -7.40 2.95 -6.31
CA ASP B 231 -8.83 3.14 -6.37
C ASP B 231 -9.30 4.10 -5.30
N SER B 232 -10.41 4.78 -5.59
CA SER B 232 -10.99 5.72 -4.66
C SER B 232 -12.47 5.82 -4.90
N GLU B 233 -13.19 6.10 -3.83
CA GLU B 233 -14.62 6.26 -3.89
C GLU B 233 -15.00 7.33 -2.87
N MET B 234 -15.84 8.28 -3.29
CA MET B 234 -16.29 9.36 -2.43
C MET B 234 -17.81 9.58 -2.51
N ALA B 235 -18.46 9.60 -1.35
CA ALA B 235 -19.90 9.76 -1.24
C ALA B 235 -20.32 11.23 -1.08
N PHE B 236 -21.63 11.48 -1.19
CA PHE B 236 -22.19 12.82 -1.07
C PHE B 236 -21.76 13.83 -2.12
N ILE B 237 -21.51 13.33 -3.34
CA ILE B 237 -21.12 14.19 -4.45
C ILE B 237 -22.40 14.57 -5.20
N GLU B 238 -22.30 15.57 -6.06
CA GLU B 238 -23.45 16.03 -6.83
C GLU B 238 -23.34 15.66 -8.31
N ASP B 239 -22.11 15.44 -8.76
CA ASP B 239 -21.86 15.07 -10.16
C ASP B 239 -20.44 14.54 -10.33
N GLU B 240 -20.21 13.88 -11.46
CA GLU B 240 -18.90 13.30 -11.75
C GLU B 240 -17.77 14.33 -11.77
N GLU B 241 -18.12 15.60 -12.03
CA GLU B 241 -17.11 16.65 -12.06
C GLU B 241 -16.38 16.83 -10.74
N GLU B 242 -17.04 16.50 -9.64
CA GLU B 242 -16.44 16.61 -8.32
C GLU B 242 -15.31 15.59 -8.22
N VAL B 243 -15.55 14.40 -8.76
CA VAL B 243 -14.59 13.30 -8.80
C VAL B 243 -13.43 13.64 -9.76
N MET B 244 -13.78 14.24 -10.90
CA MET B 244 -12.80 14.62 -11.93
C MET B 244 -11.89 15.69 -11.38
N SER B 245 -12.47 16.64 -10.65
CA SER B 245 -11.68 17.71 -10.07
C SER B 245 -10.70 17.14 -9.07
N PHE B 246 -11.17 16.23 -8.21
CA PHE B 246 -10.32 15.60 -7.21
C PHE B 246 -9.13 14.84 -7.84
N LEU B 247 -9.44 13.96 -8.79
CA LEU B 247 -8.47 13.13 -9.49
C LEU B 247 -7.40 14.01 -10.11
N GLU B 248 -7.87 15.07 -10.76
CA GLU B 248 -7.07 16.09 -11.44
C GLU B 248 -6.02 16.69 -10.52
N ARG B 249 -6.44 17.06 -9.31
CA ARG B 249 -5.56 17.64 -8.31
C ARG B 249 -4.65 16.57 -7.72
N LEU B 250 -5.14 15.33 -7.61
CA LEU B 250 -4.36 14.21 -7.09
C LEU B 250 -3.17 14.02 -8.04
N VAL B 251 -3.49 13.88 -9.32
CA VAL B 251 -2.47 13.70 -10.34
C VAL B 251 -1.49 14.89 -10.39
N ALA B 252 -2.02 16.11 -10.32
CA ALA B 252 -1.16 17.29 -10.33
C ALA B 252 -0.22 17.29 -9.14
N HIS B 253 -0.73 16.86 -7.98
CA HIS B 253 0.05 16.80 -6.74
C HIS B 253 1.23 15.81 -6.82
N ALA B 254 0.97 14.65 -7.40
CA ALA B 254 2.00 13.61 -7.57
C ALA B 254 3.05 14.05 -8.57
N ILE B 255 2.61 14.75 -9.62
CA ILE B 255 3.52 15.23 -10.66
C ILE B 255 4.45 16.29 -10.11
N ASN B 256 3.88 17.23 -9.34
CA ASN B 256 4.66 18.30 -8.76
C ASN B 256 5.56 17.84 -7.62
N TYR B 257 5.19 16.75 -6.96
CA TYR B 257 6.01 16.24 -5.88
C TYR B 257 7.27 15.68 -6.52
N VAL B 258 7.12 15.04 -7.68
CA VAL B 258 8.25 14.46 -8.41
C VAL B 258 9.17 15.54 -8.95
N ARG B 259 8.60 16.65 -9.40
CA ARG B 259 9.40 17.74 -9.91
C ARG B 259 10.26 18.35 -8.79
N GLU B 260 9.69 18.50 -7.59
CA GLU B 260 10.42 19.07 -6.46
C GLU B 260 11.52 18.15 -5.94
N HIS B 261 11.11 16.97 -5.49
CA HIS B 261 12.01 16.00 -4.90
C HIS B 261 12.91 15.17 -5.78
N ASN B 262 12.39 14.69 -6.91
CA ASN B 262 13.19 13.86 -7.79
C ASN B 262 13.74 14.64 -8.96
N ALA B 263 14.19 15.86 -8.70
CA ALA B 263 14.75 16.71 -9.74
C ALA B 263 16.04 16.05 -10.26
N LYS B 264 16.77 15.44 -9.33
CA LYS B 264 18.01 14.75 -9.67
C LYS B 264 17.71 13.57 -10.58
N GLU B 265 16.69 12.80 -10.22
CA GLU B 265 16.29 11.62 -10.97
C GLU B 265 15.80 11.97 -12.36
N LEU B 266 15.07 13.08 -12.46
CA LEU B 266 14.54 13.56 -13.73
C LEU B 266 15.69 13.99 -14.63
N ASP B 267 16.69 14.63 -14.04
CA ASP B 267 17.86 15.07 -14.78
C ASP B 267 18.57 13.82 -15.31
N ILE B 268 18.81 12.85 -14.45
CA ILE B 268 19.46 11.60 -14.84
C ILE B 268 18.77 10.98 -16.06
N LEU B 269 17.43 10.99 -16.03
CA LEU B 269 16.61 10.45 -17.12
C LEU B 269 16.56 11.37 -18.33
N ASN B 270 17.16 12.55 -18.22
CA ASN B 270 17.20 13.56 -19.29
C ASN B 270 15.78 13.90 -19.70
N PHE B 271 14.90 13.95 -18.70
CA PHE B 271 13.50 14.23 -18.89
C PHE B 271 13.03 15.49 -18.16
N GLU B 272 12.30 16.33 -18.88
CA GLU B 272 11.77 17.57 -18.31
C GLU B 272 10.28 17.37 -18.12
N LEU B 273 9.88 17.17 -16.86
CA LEU B 273 8.49 16.95 -16.51
C LEU B 273 7.77 18.28 -16.33
N GLU B 274 6.72 18.46 -17.11
CA GLU B 274 5.90 19.68 -17.13
C GLU B 274 5.17 20.01 -15.84
N GLU B 275 4.96 21.29 -15.62
CA GLU B 275 4.22 21.73 -14.46
C GLU B 275 2.76 21.56 -14.82
N PRO B 276 2.02 20.77 -14.03
CA PRO B 276 0.58 20.55 -14.29
C PRO B 276 -0.17 21.87 -14.46
N LYS B 277 -1.05 21.93 -15.45
CA LYS B 277 -1.86 23.12 -15.71
C LYS B 277 -3.33 22.82 -15.49
N LEU B 278 -3.80 23.08 -14.27
CA LEU B 278 -5.19 22.82 -13.92
C LEU B 278 -6.06 24.03 -14.21
N PRO B 279 -7.29 23.78 -14.65
CA PRO B 279 -7.80 22.43 -14.86
C PRO B 279 -7.54 21.85 -16.25
N PHE B 280 -7.37 20.54 -16.32
CA PHE B 280 -7.13 19.81 -17.57
C PHE B 280 -8.39 19.96 -18.43
N PRO B 281 -8.21 20.12 -19.74
CA PRO B 281 -9.40 20.24 -20.59
C PRO B 281 -10.27 18.98 -20.60
N ARG B 282 -11.58 19.19 -20.68
CA ARG B 282 -12.56 18.11 -20.76
C ARG B 282 -12.96 18.06 -22.24
N VAL B 283 -12.95 16.87 -22.82
CA VAL B 283 -13.31 16.70 -24.22
C VAL B 283 -14.40 15.65 -24.24
N SER B 284 -15.63 16.06 -24.52
CA SER B 284 -16.74 15.12 -24.56
C SER B 284 -16.45 14.07 -25.63
N TYR B 285 -17.07 12.92 -25.46
CA TYR B 285 -16.93 11.80 -26.38
C TYR B 285 -17.36 12.18 -27.81
N ASP B 286 -18.39 13.00 -27.92
CA ASP B 286 -18.88 13.44 -29.22
C ASP B 286 -17.87 14.37 -29.90
N LYS B 287 -17.25 15.24 -29.11
CA LYS B 287 -16.25 16.17 -29.63
C LYS B 287 -15.04 15.35 -30.04
N ALA B 288 -14.72 14.31 -29.25
CA ALA B 288 -13.59 13.44 -29.52
C ALA B 288 -13.80 12.69 -30.83
N LEU B 289 -15.04 12.26 -31.07
CA LEU B 289 -15.39 11.51 -32.27
C LEU B 289 -15.37 12.38 -33.54
N GLU B 290 -15.71 13.66 -33.36
CA GLU B 290 -15.70 14.63 -34.44
C GLU B 290 -14.26 14.89 -34.82
N ILE B 291 -13.44 15.13 -33.79
CA ILE B 291 -12.01 15.39 -33.96
C ILE B 291 -11.33 14.21 -34.67
N LEU B 292 -11.63 13.01 -34.20
CA LEU B 292 -11.03 11.80 -34.77
C LEU B 292 -11.45 11.56 -36.21
N GLY B 293 -12.73 11.76 -36.49
CA GLY B 293 -13.24 11.58 -37.85
C GLY B 293 -12.52 12.46 -38.84
N ASP B 294 -12.24 13.71 -38.44
CA ASP B 294 -11.53 14.66 -39.30
C ASP B 294 -10.09 14.21 -39.52
N LEU B 295 -9.62 13.30 -38.67
CA LEU B 295 -8.26 12.75 -38.80
C LEU B 295 -8.32 11.41 -39.54
N GLY B 296 -9.50 11.04 -40.04
CA GLY B 296 -9.66 9.79 -40.75
C GLY B 296 -9.90 8.59 -39.87
N LYS B 297 -10.04 8.80 -38.57
CA LYS B 297 -10.32 7.72 -37.61
C LYS B 297 -11.82 7.74 -37.37
N GLU B 298 -12.54 6.89 -38.07
CA GLU B 298 -13.99 6.86 -37.94
C GLU B 298 -14.48 5.84 -36.92
N ILE B 299 -15.01 6.36 -35.82
CA ILE B 299 -15.54 5.52 -34.74
C ILE B 299 -17.05 5.68 -34.75
N PRO B 300 -17.78 4.61 -35.06
CA PRO B 300 -19.22 4.68 -35.09
C PRO B 300 -19.69 5.13 -33.71
N TRP B 301 -20.67 6.00 -33.68
CA TRP B 301 -21.18 6.47 -32.41
C TRP B 301 -21.73 5.29 -31.63
N GLY B 302 -21.15 5.03 -30.46
CA GLY B 302 -21.61 3.93 -29.65
C GLY B 302 -20.49 3.03 -29.17
N GLU B 303 -19.51 2.76 -30.04
CA GLU B 303 -18.37 1.94 -29.65
C GLU B 303 -17.31 2.82 -29.05
N ASP B 304 -16.46 2.26 -28.22
CA ASP B 304 -15.44 3.05 -27.57
C ASP B 304 -14.25 3.37 -28.47
N ILE B 305 -13.64 4.50 -28.18
CA ILE B 305 -12.47 4.99 -28.89
C ILE B 305 -11.32 4.04 -28.61
N ASP B 306 -10.73 3.51 -29.67
CA ASP B 306 -9.63 2.54 -29.52
C ASP B 306 -8.25 3.13 -29.22
N THR B 307 -7.25 2.28 -29.33
CA THR B 307 -5.86 2.60 -29.06
C THR B 307 -5.30 3.64 -30.03
N GLU B 308 -5.67 3.51 -31.29
CA GLU B 308 -5.22 4.44 -32.34
C GLU B 308 -5.86 5.80 -32.08
N GLY B 309 -7.13 5.79 -31.69
CA GLY B 309 -7.85 7.01 -31.40
C GLY B 309 -7.28 7.80 -30.22
N GLU B 310 -7.04 7.09 -29.12
CA GLU B 310 -6.47 7.73 -27.93
C GLU B 310 -5.16 8.37 -28.30
N ARG B 311 -4.38 7.67 -29.11
CA ARG B 311 -3.09 8.11 -29.59
C ARG B 311 -3.24 9.42 -30.39
N LEU B 312 -4.19 9.43 -31.33
CA LEU B 312 -4.45 10.61 -32.16
C LEU B 312 -4.93 11.79 -31.34
N LEU B 313 -5.90 11.56 -30.47
CA LEU B 313 -6.46 12.60 -29.61
C LEU B 313 -5.39 13.17 -28.70
N GLY B 314 -4.50 12.31 -28.21
CA GLY B 314 -3.42 12.76 -27.35
C GLY B 314 -2.54 13.76 -28.06
N LYS B 315 -2.25 13.45 -29.32
CA LYS B 315 -1.41 14.30 -30.17
C LYS B 315 -2.16 15.60 -30.44
N TYR B 316 -3.38 15.47 -30.93
CA TYR B 316 -4.23 16.62 -31.23
C TYR B 316 -4.29 17.56 -30.04
N MET B 317 -4.52 17.01 -28.85
CA MET B 317 -4.63 17.79 -27.62
C MET B 317 -3.34 18.48 -27.28
N MET B 318 -2.24 17.82 -27.60
CA MET B 318 -0.92 18.36 -27.32
C MET B 318 -0.59 19.53 -28.25
N GLU B 319 -0.90 19.39 -29.54
CA GLU B 319 -0.62 20.46 -30.47
C GLU B 319 -1.61 21.62 -30.38
N ASN B 320 -2.87 21.30 -30.15
CA ASN B 320 -3.92 22.33 -30.08
C ASN B 320 -4.17 22.93 -28.69
N GLU B 321 -3.56 22.39 -27.65
CA GLU B 321 -3.78 22.90 -26.31
C GLU B 321 -2.57 22.74 -25.39
N ASN B 322 -1.49 22.12 -25.90
CA ASN B 322 -0.30 21.91 -25.09
C ASN B 322 -0.81 21.21 -23.81
N ALA B 323 -1.65 20.20 -24.03
CA ALA B 323 -2.25 19.46 -22.92
C ALA B 323 -1.79 18.02 -22.87
N PRO B 324 -0.82 17.71 -21.98
CA PRO B 324 -0.36 16.32 -21.89
C PRO B 324 -1.42 15.47 -21.17
N LEU B 325 -2.30 16.14 -20.42
CA LEU B 325 -3.37 15.48 -19.67
C LEU B 325 -4.73 16.13 -19.96
N TYR B 326 -5.72 15.30 -20.29
CA TYR B 326 -7.06 15.80 -20.56
C TYR B 326 -8.08 14.71 -20.24
N PHE B 327 -9.35 15.11 -20.08
CA PHE B 327 -10.43 14.16 -19.78
C PHE B 327 -11.30 13.92 -20.99
N LEU B 328 -11.78 12.69 -21.10
CA LEU B 328 -12.72 12.31 -22.13
C LEU B 328 -13.92 11.97 -21.26
N TYR B 329 -15.07 12.57 -21.53
CA TYR B 329 -16.24 12.28 -20.70
C TYR B 329 -17.55 12.30 -21.47
N GLN B 330 -18.64 12.01 -20.74
CA GLN B 330 -19.98 11.95 -21.31
C GLN B 330 -20.03 10.91 -22.42
N TYR B 331 -19.57 9.72 -22.05
CA TYR B 331 -19.51 8.56 -22.93
C TYR B 331 -20.91 8.03 -23.16
N PRO B 332 -21.11 7.22 -24.21
CA PRO B 332 -22.43 6.65 -24.47
C PRO B 332 -22.70 5.65 -23.35
N SER B 333 -23.95 5.58 -22.89
CA SER B 333 -24.30 4.66 -21.83
C SER B 333 -24.04 3.19 -22.15
N GLU B 334 -24.19 2.81 -23.42
CA GLU B 334 -23.98 1.44 -23.85
C GLU B 334 -22.50 1.05 -23.81
N ALA B 335 -21.63 2.05 -23.81
CA ALA B 335 -20.18 1.84 -23.80
C ALA B 335 -19.57 1.78 -22.41
N LYS B 336 -20.40 1.97 -21.38
CA LYS B 336 -19.93 1.99 -20.00
C LYS B 336 -20.65 0.98 -19.11
N PRO B 337 -20.02 0.59 -17.97
CA PRO B 337 -20.52 -0.36 -16.98
C PRO B 337 -21.92 -0.05 -16.47
N PHE B 338 -22.59 -1.09 -15.97
CA PHE B 338 -23.96 -0.96 -15.45
C PHE B 338 -24.10 -0.08 -14.21
N TYR B 339 -22.98 0.16 -13.52
CA TYR B 339 -23.00 0.95 -12.30
C TYR B 339 -22.69 2.43 -12.50
N ILE B 340 -22.56 2.86 -13.75
CA ILE B 340 -22.32 4.26 -14.01
C ILE B 340 -23.69 4.92 -14.17
N MET B 341 -23.89 6.03 -13.47
CA MET B 341 -25.13 6.77 -13.54
C MET B 341 -25.26 7.46 -14.91
N LYS B 342 -26.48 7.51 -15.45
CA LYS B 342 -26.74 8.15 -16.72
C LYS B 342 -27.21 9.57 -16.48
N TYR B 343 -27.19 10.38 -17.52
CA TYR B 343 -27.72 11.73 -17.43
C TYR B 343 -29.21 11.51 -17.52
N ASP B 344 -29.92 11.80 -16.44
CA ASP B 344 -31.37 11.61 -16.40
C ASP B 344 -32.06 12.34 -17.56
N ASN B 345 -31.44 13.42 -18.02
CA ASN B 345 -31.97 14.22 -19.11
C ASN B 345 -31.53 13.77 -20.50
N LYS B 346 -30.40 13.06 -20.57
CA LYS B 346 -29.91 12.53 -21.84
C LYS B 346 -29.36 11.13 -21.53
N PRO B 347 -30.26 10.17 -21.24
CA PRO B 347 -30.02 8.76 -20.91
C PRO B 347 -29.11 7.94 -21.82
N GLU B 348 -28.80 8.46 -23.00
CA GLU B 348 -27.91 7.74 -23.92
C GLU B 348 -26.44 8.05 -23.66
N ILE B 349 -26.18 9.03 -22.80
CA ILE B 349 -24.81 9.36 -22.41
C ILE B 349 -24.77 9.21 -20.88
N CYS B 350 -23.62 8.81 -20.34
CA CYS B 350 -23.48 8.62 -18.91
C CYS B 350 -22.42 9.50 -18.26
N ARG B 351 -22.42 9.49 -16.94
CA ARG B 351 -21.50 10.27 -16.14
C ARG B 351 -20.17 9.55 -15.89
N ALA B 352 -19.56 9.06 -16.96
CA ALA B 352 -18.27 8.36 -16.88
C ALA B 352 -17.21 9.21 -17.55
N PHE B 353 -15.97 9.07 -17.10
CA PHE B 353 -14.83 9.81 -17.65
C PHE B 353 -13.57 8.97 -17.64
N ASP B 354 -12.62 9.33 -18.49
CA ASP B 354 -11.32 8.66 -18.59
C ASP B 354 -10.27 9.77 -18.62
N LEU B 355 -9.17 9.59 -17.88
CA LEU B 355 -8.07 10.55 -17.83
C LEU B 355 -6.93 10.01 -18.71
N GLU B 356 -6.57 10.81 -19.72
CA GLU B 356 -5.53 10.47 -20.68
C GLU B 356 -4.23 11.23 -20.46
N TYR B 357 -3.14 10.49 -20.23
CA TYR B 357 -1.83 11.10 -20.02
C TYR B 357 -0.97 10.70 -21.22
N ARG B 358 -0.55 11.70 -22.00
CA ARG B 358 0.24 11.48 -23.20
C ARG B 358 -0.41 10.46 -24.15
N GLY B 359 -1.71 10.65 -24.37
CA GLY B 359 -2.46 9.80 -25.29
C GLY B 359 -2.78 8.38 -24.86
N VAL B 360 -2.56 8.07 -23.59
CA VAL B 360 -2.85 6.73 -23.07
C VAL B 360 -3.71 6.91 -21.83
N GLU B 361 -4.70 6.04 -21.68
CA GLU B 361 -5.60 6.13 -20.53
C GLU B 361 -4.91 5.65 -19.26
N ILE B 362 -4.90 6.53 -18.26
CA ILE B 362 -4.28 6.20 -16.98
C ILE B 362 -5.33 6.01 -15.90
N SER B 363 -6.56 6.42 -16.18
CA SER B 363 -7.63 6.30 -15.19
C SER B 363 -9.03 6.47 -15.77
N SER B 364 -10.00 5.81 -15.15
CA SER B 364 -11.37 5.95 -15.59
C SER B 364 -12.25 5.91 -14.35
N GLY B 365 -13.43 6.50 -14.43
CA GLY B 365 -14.31 6.49 -13.28
C GLY B 365 -15.60 7.22 -13.59
N GLY B 366 -16.21 7.80 -12.57
CA GLY B 366 -17.44 8.52 -12.79
C GLY B 366 -18.42 8.42 -11.64
N GLN B 367 -19.56 9.08 -11.79
CA GLN B 367 -20.58 9.02 -10.77
C GLN B 367 -21.36 7.71 -10.93
N ARG B 368 -21.54 7.02 -9.81
CA ARG B 368 -22.24 5.76 -9.76
C ARG B 368 -23.76 5.86 -9.56
N GLU B 369 -24.48 4.83 -10.00
CA GLU B 369 -25.92 4.77 -9.84
C GLU B 369 -26.18 4.18 -8.44
N HIS B 370 -26.55 5.06 -7.52
CA HIS B 370 -26.82 4.67 -6.12
C HIS B 370 -28.29 4.30 -5.84
N ARG B 371 -29.15 4.56 -6.82
CA ARG B 371 -30.57 4.25 -6.69
C ARG B 371 -30.78 2.80 -7.10
N HIS B 372 -31.04 1.96 -6.09
CA HIS B 372 -31.22 0.52 -6.26
C HIS B 372 -32.01 0.00 -7.46
N ASP B 373 -33.24 0.47 -7.62
CA ASP B 373 -34.09 0.03 -8.72
C ASP B 373 -33.54 0.38 -10.09
N ILE B 374 -33.01 1.60 -10.22
CA ILE B 374 -32.43 2.04 -11.48
C ILE B 374 -31.18 1.21 -11.78
N LEU B 375 -30.41 0.94 -10.72
CA LEU B 375 -29.20 0.13 -10.82
C LEU B 375 -29.58 -1.29 -11.27
N VAL B 376 -30.62 -1.86 -10.67
CA VAL B 376 -31.09 -3.20 -11.01
C VAL B 376 -31.48 -3.30 -12.48
N GLU B 377 -32.13 -2.26 -12.97
CA GLU B 377 -32.56 -2.22 -14.36
C GLU B 377 -31.41 -2.12 -15.33
N GLN B 378 -30.38 -1.35 -14.96
CA GLN B 378 -29.20 -1.19 -15.78
C GLN B 378 -28.40 -2.49 -15.86
N ILE B 379 -28.49 -3.32 -14.82
CA ILE B 379 -27.81 -4.62 -14.81
C ILE B 379 -28.52 -5.48 -15.86
N LYS B 380 -29.86 -5.50 -15.77
CA LYS B 380 -30.70 -6.24 -16.70
C LYS B 380 -30.44 -5.80 -18.15
N GLU B 381 -30.26 -4.50 -18.35
CA GLU B 381 -29.99 -3.93 -19.67
C GLU B 381 -28.67 -4.45 -20.22
N LYS B 382 -27.72 -4.69 -19.34
CA LYS B 382 -26.43 -5.20 -19.76
C LYS B 382 -26.56 -6.70 -20.03
N GLY B 383 -27.77 -7.23 -19.87
CA GLY B 383 -28.01 -8.65 -20.10
C GLY B 383 -27.44 -9.51 -18.99
N LEU B 384 -27.34 -8.95 -17.80
CA LEU B 384 -26.79 -9.68 -16.65
C LEU B 384 -27.92 -10.03 -15.69
N ASN B 385 -27.63 -10.97 -14.78
CA ASN B 385 -28.59 -11.42 -13.78
C ASN B 385 -28.33 -10.68 -12.46
N PRO B 386 -29.28 -9.82 -12.05
CA PRO B 386 -29.21 -9.02 -10.81
C PRO B 386 -29.08 -9.88 -9.54
N GLU B 387 -29.49 -11.14 -9.64
CA GLU B 387 -29.43 -12.07 -8.53
C GLU B 387 -27.97 -12.47 -8.24
N SER B 388 -27.11 -12.36 -9.26
CA SER B 388 -25.68 -12.68 -9.14
C SER B 388 -24.96 -11.59 -8.37
N PHE B 389 -25.64 -10.46 -8.19
CA PHE B 389 -25.08 -9.30 -7.51
C PHE B 389 -25.82 -8.91 -6.23
N GLU B 390 -26.39 -9.89 -5.54
CA GLU B 390 -27.12 -9.61 -4.31
C GLU B 390 -26.25 -9.03 -3.20
N PHE B 391 -25.11 -9.66 -2.97
CA PHE B 391 -24.19 -9.20 -1.94
C PHE B 391 -23.89 -7.70 -2.09
N TYR B 392 -23.91 -7.26 -3.35
CA TYR B 392 -23.63 -5.88 -3.74
C TYR B 392 -24.87 -4.98 -3.66
N LEU B 393 -25.95 -5.39 -4.33
CA LEU B 393 -27.19 -4.63 -4.36
C LEU B 393 -27.81 -4.45 -2.97
N LYS B 394 -27.51 -5.36 -2.04
CA LYS B 394 -28.07 -5.26 -0.70
C LYS B 394 -27.66 -3.95 -0.02
N ALA B 395 -26.44 -3.49 -0.32
CA ALA B 395 -25.89 -2.26 0.24
C ALA B 395 -26.62 -0.96 -0.21
N PHE B 396 -27.33 -1.05 -1.33
CA PHE B 396 -28.06 0.07 -1.91
C PHE B 396 -29.50 0.17 -1.39
N ARG B 397 -29.89 -0.76 -0.51
CA ARG B 397 -31.24 -0.80 0.04
C ARG B 397 -31.41 -0.15 1.42
N TYR B 398 -30.33 0.11 2.13
CA TYR B 398 -30.46 0.68 3.48
C TYR B 398 -29.82 2.03 3.69
N GLY B 399 -30.11 2.97 2.79
CA GLY B 399 -29.54 4.30 2.87
C GLY B 399 -28.19 4.34 2.18
N MET B 400 -28.22 4.53 0.86
CA MET B 400 -27.00 4.62 0.05
C MET B 400 -26.90 6.04 -0.52
N PRO B 401 -25.91 6.82 -0.07
CA PRO B 401 -25.73 8.20 -0.55
C PRO B 401 -25.19 8.22 -1.97
N PRO B 402 -25.27 9.40 -2.63
CA PRO B 402 -24.77 9.52 -3.99
C PRO B 402 -23.26 9.33 -3.90
N HIS B 403 -22.64 8.77 -4.93
CA HIS B 403 -21.21 8.58 -4.88
C HIS B 403 -20.60 8.40 -6.25
N GLY B 404 -19.27 8.49 -6.30
CA GLY B 404 -18.55 8.33 -7.54
C GLY B 404 -17.13 7.98 -7.16
N GLY B 405 -16.30 7.65 -8.15
CA GLY B 405 -14.93 7.32 -7.86
C GLY B 405 -14.10 7.12 -9.12
N PHE B 406 -12.93 6.52 -8.95
CA PHE B 406 -12.04 6.27 -10.08
C PHE B 406 -11.09 5.12 -9.80
N GLY B 407 -10.35 4.74 -10.83
CA GLY B 407 -9.36 3.68 -10.74
C GLY B 407 -8.16 4.25 -11.47
N LEU B 408 -7.02 4.34 -10.78
CA LEU B 408 -5.80 4.91 -11.35
C LEU B 408 -4.73 3.84 -11.47
N GLY B 409 -4.28 3.59 -12.70
CA GLY B 409 -3.23 2.61 -12.91
C GLY B 409 -1.92 3.23 -12.50
N ALA B 410 -1.28 2.65 -11.48
CA ALA B 410 -0.02 3.18 -10.98
C ALA B 410 1.13 3.08 -12.00
N GLU B 411 1.31 1.90 -12.59
CA GLU B 411 2.36 1.71 -13.58
C GLU B 411 2.09 2.62 -14.77
N ARG B 412 0.88 2.53 -15.31
CA ARG B 412 0.49 3.37 -16.43
C ARG B 412 0.73 4.86 -16.13
N LEU B 413 0.43 5.30 -14.90
CA LEU B 413 0.61 6.69 -14.49
C LEU B 413 2.09 7.08 -14.60
N ILE B 414 2.95 6.26 -14.01
CA ILE B 414 4.39 6.49 -14.00
C ILE B 414 5.00 6.39 -15.41
N LYS B 415 4.57 5.39 -16.17
CA LYS B 415 5.06 5.17 -17.52
C LYS B 415 4.75 6.38 -18.41
N GLN B 416 3.54 6.90 -18.30
CA GLN B 416 3.14 8.05 -19.09
C GLN B 416 3.78 9.32 -18.57
N MET B 417 3.96 9.40 -17.26
CA MET B 417 4.57 10.57 -16.64
C MET B 417 5.98 10.79 -17.17
N LEU B 418 6.77 9.70 -17.17
CA LEU B 418 8.15 9.75 -17.63
C LEU B 418 8.28 9.52 -19.12
N ASP B 419 7.13 9.39 -19.78
CA ASP B 419 7.09 9.15 -21.22
C ASP B 419 7.94 7.94 -21.63
N LEU B 420 7.86 6.88 -20.83
CA LEU B 420 8.61 5.64 -21.10
C LEU B 420 7.94 4.86 -22.20
N PRO B 421 8.73 4.08 -22.97
CA PRO B 421 8.20 3.28 -24.06
C PRO B 421 7.46 2.02 -23.67
N ASN B 422 8.01 1.28 -22.72
CA ASN B 422 7.38 0.04 -22.28
C ASN B 422 7.01 0.13 -20.80
N ILE B 423 5.94 -0.56 -20.44
CA ILE B 423 5.46 -0.54 -19.05
C ILE B 423 6.31 -1.40 -18.12
N ARG B 424 7.08 -2.31 -18.71
CA ARG B 424 7.96 -3.20 -17.96
C ARG B 424 9.16 -2.46 -17.38
N GLU B 425 9.20 -1.16 -17.64
CA GLU B 425 10.25 -0.28 -17.15
C GLU B 425 9.88 0.30 -15.78
N VAL B 426 8.59 0.28 -15.43
CA VAL B 426 8.13 0.85 -14.16
C VAL B 426 7.69 -0.15 -13.08
N ILE B 427 7.91 -1.43 -13.34
CA ILE B 427 7.56 -2.45 -12.37
C ILE B 427 8.75 -3.41 -12.33
N LEU B 428 9.22 -3.70 -11.13
CA LEU B 428 10.39 -4.56 -10.93
C LEU B 428 10.27 -5.95 -11.52
N PHE B 429 9.20 -6.66 -11.16
CA PHE B 429 8.98 -8.01 -11.65
C PHE B 429 7.69 -8.18 -12.45
N PRO B 430 7.72 -7.82 -13.75
CA PRO B 430 6.55 -7.91 -14.62
C PRO B 430 5.98 -9.33 -14.78
N ARG B 431 4.65 -9.40 -14.82
CA ARG B 431 3.95 -10.66 -15.01
C ARG B 431 3.29 -10.62 -16.40
N ASP B 432 3.87 -11.38 -17.33
CA ASP B 432 3.39 -11.44 -18.71
C ASP B 432 2.64 -12.68 -19.04
N ARG B 433 2.11 -12.70 -20.25
CA ARG B 433 1.43 -13.85 -20.81
C ARG B 433 2.53 -14.90 -20.98
N ARG B 434 3.77 -14.42 -21.08
CA ARG B 434 4.96 -15.23 -21.27
C ARG B 434 5.97 -15.13 -20.13
N ARG B 435 5.72 -14.29 -19.14
CA ARG B 435 6.66 -14.12 -18.00
C ARG B 435 6.05 -14.42 -16.63
N LEU B 436 6.62 -15.41 -15.95
CA LEU B 436 6.16 -15.84 -14.63
C LEU B 436 7.32 -15.82 -13.64
N THR B 437 8.54 -15.68 -14.16
CA THR B 437 9.74 -15.61 -13.34
C THR B 437 10.68 -14.52 -13.86
N PRO B 438 11.51 -13.93 -12.99
CA PRO B 438 11.60 -14.24 -11.56
C PRO B 438 10.45 -13.58 -10.79
#